data_1QE5
#
_entry.id   1QE5
#
_cell.length_a   64.120
_cell.length_b   108.900
_cell.length_c   119.300
_cell.angle_alpha   90.00
_cell.angle_beta   90.00
_cell.angle_gamma   90.00
#
_symmetry.space_group_name_H-M   'P 21 21 21'
#
loop_
_entity.id
_entity.type
_entity.pdbx_description
1 polymer PENTOSYLTRANSFERASE
2 non-polymer 'PHOSPHATE ION'
3 non-polymer 'CALCIUM ION'
4 water water
#
_entity_poly.entity_id   1
_entity_poly.type   'polypeptide(L)'
_entity_poly.pdbx_seq_one_letter_code
;PPLDDPATDPFLVARAAADHIAQATGVEGHDMALVLGSGWGGAAELLGEVVAEVPTHEIPGFSSVTRSIRVERADGSVRH
ALVLGSRTHLYEGKGVRAVVHGVRTAAATGAETLILTNGCGGLNQEWGAGTPVLLSDHINLTARSPLEGPTFVDLTDVYS
PRLRELAHRVDPTLPEGVYAQFPGPHYETPAEVRMAGILGADLVGMSTTLEAIAARHCGLEVLGVSLVTNLAAGISPTPL
SHAEVIEAGQAAGPRISALLADIAKR
;
_entity_poly.pdbx_strand_id   A,B,C
#
loop_
_chem_comp.id
_chem_comp.type
_chem_comp.name
_chem_comp.formula
CA non-polymer 'CALCIUM ION' 'Ca 2'
PO4 non-polymer 'PHOSPHATE ION' 'O4 P -3'
#
# COMPACT_ATOMS: atom_id res chain seq x y z
N PRO A 1 3.48 29.09 -8.66
CA PRO A 1 2.72 28.25 -7.67
C PRO A 1 3.43 26.91 -7.53
N PRO A 2 3.93 26.57 -6.31
CA PRO A 2 4.62 25.29 -6.11
C PRO A 2 3.66 24.10 -6.24
N LEU A 3 4.05 23.13 -7.05
CA LEU A 3 3.23 21.92 -7.25
C LEU A 3 3.05 21.31 -5.89
N ASP A 4 4.02 21.58 -5.05
CA ASP A 4 4.09 21.11 -3.68
C ASP A 4 2.89 21.51 -2.80
N ASP A 5 2.36 22.71 -3.03
CA ASP A 5 1.23 23.19 -2.24
C ASP A 5 -0.05 22.54 -2.70
N PRO A 6 -0.79 21.93 -1.77
CA PRO A 6 -2.06 21.26 -2.09
C PRO A 6 -3.02 22.21 -2.75
N ALA A 7 -2.90 23.49 -2.41
CA ALA A 7 -3.77 24.48 -2.99
C ALA A 7 -3.55 24.60 -4.51
N THR A 8 -2.29 24.55 -4.96
CA THR A 8 -1.99 24.66 -6.40
C THR A 8 -2.75 23.64 -7.25
N ASP A 9 -3.16 24.05 -8.43
CA ASP A 9 -3.85 23.18 -9.39
C ASP A 9 -2.76 22.58 -10.29
N PRO A 10 -2.43 21.27 -10.16
CA PRO A 10 -1.36 20.70 -11.00
C PRO A 10 -1.40 20.98 -12.48
N PHE A 11 -2.59 20.97 -13.06
CA PHE A 11 -2.77 21.21 -14.48
C PHE A 11 -2.44 22.62 -14.99
N LEU A 12 -2.47 23.56 -14.07
CA LEU A 12 -2.20 24.95 -14.35
C LEU A 12 -0.68 25.06 -14.40
N VAL A 13 -0.02 24.23 -13.61
CA VAL A 13 1.43 24.29 -13.66
C VAL A 13 1.83 23.66 -15.01
N ALA A 14 1.12 22.57 -15.38
CA ALA A 14 1.39 21.90 -16.65
C ALA A 14 1.23 22.88 -17.82
N ARG A 15 0.19 23.69 -17.78
CA ARG A 15 -0.04 24.69 -18.82
C ARG A 15 1.13 25.65 -18.92
N ALA A 16 1.60 26.12 -17.77
CA ALA A 16 2.72 27.04 -17.76
C ALA A 16 3.95 26.36 -18.32
N ALA A 17 4.16 25.12 -17.90
CA ALA A 17 5.32 24.36 -18.38
C ALA A 17 5.28 24.36 -19.91
N ALA A 18 4.14 23.96 -20.48
CA ALA A 18 3.94 23.87 -21.91
C ALA A 18 4.08 25.22 -22.66
N ASP A 19 3.52 26.30 -22.12
CA ASP A 19 3.68 27.59 -22.77
C ASP A 19 5.17 27.95 -22.75
N HIS A 20 5.83 27.70 -21.63
CA HIS A 20 7.27 27.97 -21.52
C HIS A 20 8.07 27.20 -22.62
N ILE A 21 7.76 25.90 -22.74
CA ILE A 21 8.43 25.06 -23.72
C ILE A 21 8.21 25.59 -25.16
N ALA A 22 6.96 25.85 -25.53
CA ALA A 22 6.64 26.36 -26.84
C ALA A 22 7.39 27.64 -27.18
N GLN A 23 7.68 28.41 -26.15
CA GLN A 23 8.36 29.67 -26.34
C GLN A 23 9.85 29.41 -26.47
N ALA A 24 10.42 28.72 -25.49
CA ALA A 24 11.85 28.43 -25.52
C ALA A 24 12.33 27.59 -26.74
N THR A 25 11.43 26.84 -27.35
CA THR A 25 11.83 26.01 -28.46
C THR A 25 11.33 26.53 -29.78
N GLY A 26 10.34 27.42 -29.73
CA GLY A 26 9.80 27.92 -30.95
C GLY A 26 8.86 26.90 -31.56
N VAL A 27 8.60 25.78 -30.87
CA VAL A 27 7.64 24.84 -31.45
C VAL A 27 6.25 25.08 -30.77
N GLU A 28 5.27 25.52 -31.54
CA GLU A 28 3.95 25.83 -30.99
C GLU A 28 3.32 24.63 -30.31
N GLY A 29 3.39 23.46 -30.92
CA GLY A 29 2.84 22.26 -30.30
C GLY A 29 3.66 21.02 -30.62
N HIS A 30 3.66 20.04 -29.73
CA HIS A 30 4.36 18.79 -30.02
C HIS A 30 3.33 17.74 -30.30
N ASP A 31 3.74 16.70 -31.03
CA ASP A 31 2.81 15.65 -31.40
C ASP A 31 2.92 14.40 -30.61
N MET A 32 4.10 14.18 -30.04
CA MET A 32 4.33 12.96 -29.28
C MET A 32 5.35 13.28 -28.22
N ALA A 33 5.43 12.43 -27.20
CA ALA A 33 6.37 12.63 -26.11
C ALA A 33 6.99 11.32 -25.73
N LEU A 34 8.25 11.37 -25.28
CA LEU A 34 8.93 10.16 -24.88
C LEU A 34 9.64 10.41 -23.59
N VAL A 35 9.56 9.39 -22.74
CA VAL A 35 10.20 9.37 -21.45
C VAL A 35 11.20 8.22 -21.55
N LEU A 36 12.47 8.50 -21.32
CA LEU A 36 13.53 7.48 -21.41
C LEU A 36 13.92 6.98 -20.03
N GLY A 37 13.72 5.70 -19.79
CA GLY A 37 14.04 5.17 -18.47
C GLY A 37 15.44 4.62 -18.38
N SER A 38 15.69 3.74 -17.42
CA SER A 38 17.01 3.15 -17.23
C SER A 38 17.37 2.22 -18.35
N GLY A 39 18.51 2.49 -19.00
CA GLY A 39 18.94 1.70 -20.14
C GLY A 39 18.53 2.40 -21.44
N TRP A 40 17.72 3.48 -21.37
CA TRP A 40 17.27 4.13 -22.60
C TRP A 40 17.85 5.49 -22.89
N GLY A 41 18.77 5.96 -22.05
CA GLY A 41 19.38 7.26 -22.24
C GLY A 41 19.91 7.59 -23.65
N GLY A 42 20.35 6.60 -24.43
CA GLY A 42 20.86 6.94 -25.74
C GLY A 42 19.96 6.49 -26.85
N ALA A 43 18.75 6.11 -26.52
CA ALA A 43 17.90 5.56 -27.53
C ALA A 43 17.12 6.54 -28.35
N ALA A 44 17.25 7.83 -28.07
CA ALA A 44 16.60 8.82 -28.92
C ALA A 44 17.59 9.52 -29.92
N GLU A 45 18.85 9.08 -30.00
CA GLU A 45 19.83 9.73 -30.91
C GLU A 45 19.57 9.53 -32.41
N LEU A 46 18.77 8.54 -32.77
CA LEU A 46 18.43 8.33 -34.14
C LEU A 46 17.02 8.79 -34.50
N LEU A 47 16.38 9.54 -33.61
CA LEU A 47 14.99 9.97 -33.83
C LEU A 47 14.79 11.03 -34.94
N GLY A 48 15.76 11.94 -35.02
CA GLY A 48 15.65 13.01 -35.99
C GLY A 48 16.50 14.18 -35.55
N GLU A 49 16.29 15.32 -36.13
CA GLU A 49 17.08 16.46 -35.74
C GLU A 49 16.58 17.21 -34.50
N VAL A 50 17.50 17.42 -33.56
CA VAL A 50 17.24 18.16 -32.36
C VAL A 50 17.05 19.63 -32.68
N VAL A 51 15.80 20.10 -32.61
CA VAL A 51 15.46 21.50 -32.87
C VAL A 51 15.81 22.43 -31.67
N ALA A 52 15.78 21.90 -30.44
CA ALA A 52 16.09 22.70 -29.27
C ALA A 52 16.26 21.83 -28.05
N GLU A 53 17.05 22.32 -27.11
CA GLU A 53 17.31 21.66 -25.85
C GLU A 53 16.96 22.69 -24.82
N VAL A 54 16.18 22.31 -23.80
CA VAL A 54 15.82 23.25 -22.76
C VAL A 54 16.29 22.68 -21.45
N PRO A 55 17.15 23.41 -20.71
CA PRO A 55 17.57 22.85 -19.42
C PRO A 55 16.25 22.60 -18.62
N THR A 56 16.07 21.39 -18.12
CA THR A 56 14.83 21.01 -17.44
C THR A 56 14.47 21.82 -16.19
N HIS A 57 15.48 22.13 -15.38
CA HIS A 57 15.27 22.89 -14.15
C HIS A 57 14.73 24.27 -14.45
N GLU A 58 14.69 24.68 -15.71
CA GLU A 58 14.18 26.00 -16.08
C GLU A 58 12.71 26.00 -16.45
N ILE A 59 12.15 24.81 -16.63
CA ILE A 59 10.76 24.72 -17.00
C ILE A 59 9.87 24.69 -15.74
N PRO A 60 8.78 25.49 -15.74
CA PRO A 60 7.84 25.57 -14.62
C PRO A 60 7.50 24.20 -14.01
N GLY A 61 7.65 24.04 -12.71
CA GLY A 61 7.28 22.79 -12.06
C GLY A 61 8.34 21.71 -11.90
N PHE A 62 9.36 21.68 -12.75
CA PHE A 62 10.39 20.65 -12.59
C PHE A 62 11.45 21.11 -11.60
N SER A 63 12.44 20.27 -11.37
CA SER A 63 13.54 20.61 -10.46
C SER A 63 14.29 19.33 -10.22
N SER A 64 18.96 16.08 -18.02
CA SER A 64 18.58 17.31 -17.29
C SER A 64 18.29 18.37 -18.34
N VAL A 65 18.02 17.91 -19.55
CA VAL A 65 17.69 18.79 -20.65
C VAL A 65 16.48 18.15 -21.31
N THR A 66 15.57 18.97 -21.79
CA THR A 66 14.36 18.49 -22.45
C THR A 66 14.59 18.86 -23.88
N ARG A 67 14.28 17.96 -24.80
CA ARG A 67 14.56 18.24 -26.20
C ARG A 67 13.38 18.18 -27.12
N SER A 68 13.34 19.10 -28.06
CA SER A 68 12.32 19.09 -29.06
C SER A 68 13.00 18.53 -30.34
N ILE A 69 12.49 17.41 -30.86
CA ILE A 69 13.05 16.78 -32.02
C ILE A 69 12.10 16.75 -33.19
N ARG A 70 12.65 16.93 -34.39
CA ARG A 70 11.87 16.92 -35.62
C ARG A 70 11.92 15.51 -36.20
N VAL A 71 10.77 14.90 -36.42
CA VAL A 71 10.72 13.56 -36.99
C VAL A 71 10.22 13.65 -38.45
N GLU A 72 11.07 13.25 -39.40
CA GLU A 72 10.71 13.31 -40.82
C GLU A 72 9.99 12.06 -41.20
N ARG A 73 8.80 12.20 -41.74
CA ARG A 73 8.10 10.97 -42.05
C ARG A 73 8.30 10.57 -43.50
N ALA A 74 7.95 9.33 -43.79
CA ALA A 74 8.04 8.74 -45.12
C ALA A 74 7.41 9.62 -46.20
N ASP A 75 6.24 10.18 -45.91
CA ASP A 75 5.60 11.03 -46.91
C ASP A 75 6.07 12.49 -46.91
N GLY A 76 7.23 12.75 -46.34
CA GLY A 76 7.67 14.12 -46.36
C GLY A 76 7.09 15.02 -45.30
N SER A 77 6.06 14.59 -44.57
CA SER A 77 5.53 15.45 -43.50
C SER A 77 6.41 15.33 -42.24
N VAL A 78 6.26 16.26 -41.30
CA VAL A 78 7.02 16.18 -40.06
C VAL A 78 6.18 16.15 -38.76
N ARG A 79 6.84 15.75 -37.68
CA ARG A 79 6.24 15.71 -36.36
C ARG A 79 7.27 16.23 -35.40
N HIS A 80 6.81 16.70 -34.25
CA HIS A 80 7.76 17.18 -33.26
C HIS A 80 7.59 16.30 -32.06
N ALA A 81 8.70 15.73 -31.62
CA ALA A 81 8.69 14.83 -30.50
C ALA A 81 9.30 15.58 -29.34
N LEU A 82 8.67 15.48 -28.17
CA LEU A 82 9.18 16.13 -26.95
C LEU A 82 9.89 15.01 -26.21
N VAL A 83 11.19 15.13 -26.02
CA VAL A 83 11.88 14.08 -25.28
C VAL A 83 12.13 14.64 -23.89
N LEU A 84 11.38 14.13 -22.91
CA LEU A 84 11.50 14.64 -21.56
C LEU A 84 12.83 14.41 -20.93
N GLY A 85 13.12 15.32 -20.00
CA GLY A 85 14.37 15.32 -19.25
C GLY A 85 14.49 14.02 -18.52
N SER A 86 15.01 14.03 -17.31
CA SER A 86 15.12 12.77 -16.60
C SER A 86 13.70 12.29 -16.32
N ARG A 87 13.51 11.75 -15.13
CA ARG A 87 12.24 11.24 -14.68
C ARG A 87 12.27 11.28 -13.14
N THR A 88 11.18 11.71 -12.49
CA THR A 88 11.10 11.75 -11.00
C THR A 88 10.42 10.46 -10.51
N HIS A 89 11.08 9.75 -9.61
CA HIS A 89 10.49 8.51 -9.09
C HIS A 89 9.72 8.70 -7.79
N LEU A 90 8.80 7.78 -7.51
CA LEU A 90 8.04 7.85 -6.25
C LEU A 90 9.05 7.81 -5.08
N TYR A 91 10.03 6.93 -5.17
CA TYR A 91 10.96 6.80 -4.05
C TYR A 91 11.76 8.07 -3.72
N GLU A 92 11.68 9.09 -4.57
CA GLU A 92 12.40 10.33 -4.26
C GLU A 92 11.64 11.15 -3.23
N GLY A 93 10.43 10.75 -2.88
CA GLY A 93 9.70 11.49 -1.87
C GLY A 93 9.17 12.90 -2.20
N LYS A 94 9.07 13.27 -3.47
CA LYS A 94 8.56 14.61 -3.73
C LYS A 94 7.08 14.61 -4.04
N GLY A 95 6.41 13.47 -3.84
CA GLY A 95 4.98 13.38 -4.10
C GLY A 95 4.57 12.89 -5.49
N VAL A 96 3.34 12.40 -5.62
CA VAL A 96 2.87 11.89 -6.87
C VAL A 96 2.75 12.99 -7.96
N ARG A 97 2.51 14.22 -7.53
CA ARG A 97 2.35 15.30 -8.48
C ARG A 97 3.61 15.51 -9.31
N ALA A 98 4.75 15.40 -8.63
CA ALA A 98 6.08 15.57 -9.22
C ALA A 98 6.40 14.40 -10.15
N VAL A 99 5.86 13.23 -9.84
CA VAL A 99 6.08 12.07 -10.67
C VAL A 99 5.35 12.16 -12.02
N VAL A 100 4.17 12.76 -12.08
CA VAL A 100 3.49 12.71 -13.34
C VAL A 100 3.45 14.09 -13.98
N HIS A 101 4.24 15.02 -13.50
CA HIS A 101 4.24 16.37 -14.06
C HIS A 101 4.71 16.39 -15.55
N GLY A 102 5.75 15.64 -15.85
CA GLY A 102 6.23 15.52 -17.23
C GLY A 102 5.13 15.04 -18.16
N VAL A 103 4.43 14.00 -17.75
CA VAL A 103 3.34 13.53 -18.59
C VAL A 103 2.24 14.62 -18.84
N ARG A 104 1.89 15.37 -17.80
CA ARG A 104 0.81 16.36 -17.96
C ARG A 104 1.32 17.57 -18.74
N THR A 105 2.63 17.84 -18.62
CA THR A 105 3.25 18.93 -19.41
C THR A 105 3.17 18.53 -20.87
N ALA A 106 3.54 17.30 -21.19
CA ALA A 106 3.47 16.78 -22.54
C ALA A 106 2.07 16.94 -23.12
N ALA A 107 1.07 16.54 -22.36
CA ALA A 107 -0.29 16.61 -22.87
C ALA A 107 -0.64 18.07 -23.17
N ALA A 108 -0.16 18.96 -22.34
CA ALA A 108 -0.43 20.37 -22.48
C ALA A 108 0.17 20.99 -23.76
N THR A 109 1.23 20.36 -24.33
CA THR A 109 1.87 20.89 -25.54
C THR A 109 1.07 20.37 -26.72
N GLY A 110 0.09 19.54 -26.44
CA GLY A 110 -0.71 19.02 -27.55
C GLY A 110 -0.37 17.61 -28.00
N ALA A 111 0.64 17.01 -27.40
CA ALA A 111 1.01 15.68 -27.77
C ALA A 111 -0.18 14.74 -27.66
N GLU A 112 -0.36 13.84 -28.62
CA GLU A 112 -1.43 12.87 -28.53
C GLU A 112 -0.93 11.44 -28.24
N THR A 113 0.39 11.27 -28.30
CA THR A 113 1.00 9.97 -28.14
C THR A 113 2.12 10.04 -27.15
N LEU A 114 2.17 9.03 -26.28
CA LEU A 114 3.18 9.02 -25.25
C LEU A 114 3.86 7.67 -25.30
N ILE A 115 5.18 7.69 -25.23
CA ILE A 115 5.95 6.43 -25.25
C ILE A 115 6.67 6.42 -23.89
N LEU A 116 6.39 5.39 -23.08
CA LEU A 116 7.03 5.35 -21.77
C LEU A 116 7.98 4.20 -21.84
N THR A 117 9.21 4.37 -21.37
CA THR A 117 10.14 3.25 -21.40
C THR A 117 10.71 3.10 -20.01
N ASN A 118 11.15 1.92 -19.65
CA ASN A 118 11.80 1.77 -18.36
C ASN A 118 12.70 0.57 -18.47
N GLY A 119 13.52 0.43 -17.44
CA GLY A 119 14.38 -0.73 -17.27
C GLY A 119 13.77 -1.51 -16.08
N CYS A 120 13.53 -2.83 -16.21
CA CYS A 120 12.90 -3.58 -15.13
C CYS A 120 13.51 -4.97 -14.94
N GLY A 121 13.01 -5.70 -13.93
CA GLY A 121 13.45 -7.07 -13.67
C GLY A 121 12.48 -7.98 -14.39
N GLY A 122 12.93 -9.10 -14.95
CA GLY A 122 12.01 -9.94 -15.65
C GLY A 122 11.80 -11.18 -14.85
N LEU A 123 10.65 -11.78 -15.05
CA LEU A 123 10.30 -13.01 -14.34
C LEU A 123 10.10 -14.14 -15.34
N ASN A 124 10.25 -13.85 -16.63
CA ASN A 124 10.10 -14.87 -17.67
C ASN A 124 11.51 -15.22 -18.10
N GLN A 125 11.91 -16.47 -17.91
CA GLN A 125 13.27 -16.85 -18.30
C GLN A 125 13.57 -16.76 -19.79
N GLU A 126 12.54 -16.81 -20.62
CA GLU A 126 12.73 -16.65 -22.07
C GLU A 126 13.18 -15.22 -22.43
N TRP A 127 13.15 -14.29 -21.50
CA TRP A 127 13.56 -12.92 -21.86
C TRP A 127 14.77 -12.49 -21.08
N GLY A 128 15.96 -12.74 -21.63
CA GLY A 128 17.18 -12.40 -20.91
C GLY A 128 17.47 -10.93 -20.90
N ALA A 129 18.49 -10.53 -20.15
CA ALA A 129 18.88 -9.13 -20.08
C ALA A 129 18.98 -8.64 -21.52
N GLY A 130 18.63 -7.39 -21.76
CA GLY A 130 18.69 -6.91 -23.12
C GLY A 130 17.38 -7.04 -23.86
N THR A 131 16.40 -7.83 -23.38
CA THR A 131 15.14 -7.96 -24.14
C THR A 131 14.12 -6.81 -23.97
N PRO A 132 13.72 -6.16 -25.07
CA PRO A 132 12.74 -5.11 -24.95
C PRO A 132 11.36 -5.85 -24.95
N VAL A 133 10.42 -5.40 -24.13
CA VAL A 133 9.11 -6.06 -24.04
C VAL A 133 7.97 -5.03 -24.09
N LEU A 134 6.97 -5.29 -24.90
CA LEU A 134 5.86 -4.37 -24.93
C LEU A 134 4.90 -4.59 -23.71
N LEU A 135 4.49 -3.49 -23.09
CA LEU A 135 3.53 -3.56 -21.97
C LEU A 135 2.09 -3.79 -22.46
N SER A 136 1.51 -4.92 -22.10
CA SER A 136 0.09 -5.19 -22.47
C SER A 136 -0.91 -4.64 -21.40
N ASP A 137 -0.45 -4.51 -20.14
CA ASP A 137 -1.29 -4.06 -19.01
C ASP A 137 -0.31 -3.92 -17.84
N HIS A 138 -0.82 -3.39 -16.72
CA HIS A 138 0.01 -3.27 -15.51
C HIS A 138 -0.79 -3.56 -14.25
N ILE A 139 -0.07 -3.62 -13.14
CA ILE A 139 -0.62 -3.87 -11.80
C ILE A 139 0.10 -2.85 -10.94
N ASN A 140 -0.63 -1.89 -10.40
CA ASN A 140 -0.03 -0.84 -9.57
C ASN A 140 -0.02 -1.32 -8.14
N LEU A 141 1.16 -1.52 -7.58
CA LEU A 141 1.30 -1.99 -6.22
C LEU A 141 1.86 -0.92 -5.32
N THR A 142 1.69 0.33 -5.66
CA THR A 142 2.28 1.34 -4.76
C THR A 142 1.24 1.86 -3.76
N ALA A 143 -0.03 1.52 -4.00
CA ALA A 143 -1.14 1.95 -3.14
C ALA A 143 -1.33 3.45 -3.31
N ARG A 144 -0.89 4.01 -4.44
CA ARG A 144 -1.02 5.45 -4.66
C ARG A 144 -1.71 5.63 -5.99
N SER A 145 -2.17 6.87 -6.24
CA SER A 145 -2.86 7.23 -7.45
C SER A 145 -2.45 8.62 -7.76
N PRO A 146 -2.31 8.94 -9.05
CA PRO A 146 -1.94 10.32 -9.39
C PRO A 146 -3.20 11.17 -9.47
N LEU A 147 -4.37 10.56 -9.44
CA LEU A 147 -5.61 11.32 -9.54
C LEU A 147 -6.04 11.80 -8.18
N GLU A 148 -6.55 13.02 -8.16
CA GLU A 148 -6.91 13.67 -6.90
C GLU A 148 -8.37 13.80 -6.56
N GLY A 149 -9.29 13.43 -7.41
CA GLY A 149 -10.67 13.57 -6.96
C GLY A 149 -11.52 12.52 -7.61
N PRO A 150 -12.85 12.68 -7.56
CA PRO A 150 -13.69 11.69 -8.20
C PRO A 150 -13.40 11.76 -9.64
N THR A 151 -12.28 11.24 -9.95
CA THR A 151 -11.82 11.27 -11.28
C THR A 151 -12.13 9.88 -11.75
N PHE A 152 -13.25 9.76 -12.40
CA PHE A 152 -13.61 8.45 -12.82
C PHE A 152 -13.29 8.12 -14.25
N VAL A 153 -11.99 7.75 -14.38
CA VAL A 153 -11.27 7.30 -15.60
C VAL A 153 -11.19 5.77 -15.76
N ASP A 154 -11.49 5.34 -16.99
CA ASP A 154 -11.50 3.94 -17.38
C ASP A 154 -10.06 3.48 -17.76
N LEU A 155 -9.56 2.41 -17.15
CA LEU A 155 -8.22 1.90 -17.46
C LEU A 155 -8.33 0.52 -18.17
N THR A 156 -9.43 0.27 -18.85
CA THR A 156 -9.62 -1.00 -19.52
C THR A 156 -8.62 -1.27 -20.63
N ASP A 157 -8.02 -0.21 -21.17
CA ASP A 157 -7.00 -0.39 -22.21
C ASP A 157 -5.98 0.71 -22.11
N VAL A 158 -5.26 0.66 -21.00
CA VAL A 158 -4.25 1.65 -20.74
C VAL A 158 -3.20 1.69 -21.86
N TYR A 159 -2.74 0.53 -22.31
CA TYR A 159 -1.71 0.49 -23.33
C TYR A 159 -2.35 0.20 -24.67
N SER A 160 -2.44 1.26 -25.47
CA SER A 160 -3.09 1.20 -26.77
C SER A 160 -2.80 0.05 -27.69
N PRO A 161 -3.85 -0.70 -28.08
CA PRO A 161 -3.62 -1.83 -29.00
C PRO A 161 -3.06 -1.30 -30.35
N ARG A 162 -3.50 -0.10 -30.78
CA ARG A 162 -3.07 0.49 -32.06
C ARG A 162 -1.54 0.62 -32.05
N LEU A 163 -1.03 1.23 -30.99
CA LEU A 163 0.38 1.40 -30.87
C LEU A 163 1.11 0.10 -30.72
N ARG A 164 0.53 -0.92 -30.09
CA ARG A 164 1.28 -2.14 -30.01
C ARG A 164 1.30 -2.80 -31.38
N GLU A 165 0.28 -2.54 -32.19
CA GLU A 165 0.24 -3.10 -33.54
C GLU A 165 1.38 -2.45 -34.32
N LEU A 166 1.46 -1.13 -34.28
CA LEU A 166 2.52 -0.47 -35.01
C LEU A 166 3.94 -0.94 -34.58
N ALA A 167 4.15 -1.11 -33.27
CA ALA A 167 5.44 -1.53 -32.75
C ALA A 167 5.72 -2.89 -33.34
N HIS A 168 4.64 -3.61 -33.61
CA HIS A 168 4.79 -4.92 -34.16
C HIS A 168 5.08 -4.92 -35.66
N ARG A 169 4.77 -3.80 -36.33
CA ARG A 169 5.10 -3.69 -37.74
C ARG A 169 6.58 -3.46 -37.81
N VAL A 170 7.14 -2.75 -36.83
CA VAL A 170 8.57 -2.49 -36.81
C VAL A 170 9.32 -3.74 -36.41
N ASP A 171 8.89 -4.44 -35.36
CA ASP A 171 9.58 -5.68 -34.99
C ASP A 171 8.57 -6.70 -34.49
N PRO A 172 7.99 -7.53 -35.39
CA PRO A 172 7.00 -8.53 -35.06
C PRO A 172 7.36 -9.54 -33.99
N THR A 173 8.63 -9.56 -33.60
CA THR A 173 9.03 -10.53 -32.59
C THR A 173 8.93 -10.00 -31.15
N LEU A 174 8.67 -8.72 -30.98
CA LEU A 174 8.56 -8.18 -29.59
C LEU A 174 7.49 -8.89 -28.76
N PRO A 175 7.81 -9.34 -27.56
CA PRO A 175 6.78 -10.00 -26.78
C PRO A 175 6.02 -8.88 -26.01
N GLU A 176 4.95 -9.29 -25.31
CA GLU A 176 4.11 -8.38 -24.53
C GLU A 176 4.12 -8.96 -23.14
N GLY A 177 3.90 -8.12 -22.13
CA GLY A 177 3.89 -8.59 -20.77
C GLY A 177 3.19 -7.65 -19.82
N VAL A 178 2.88 -8.18 -18.63
CA VAL A 178 2.23 -7.39 -17.60
C VAL A 178 3.29 -6.93 -16.63
N TYR A 179 3.27 -5.63 -16.40
CA TYR A 179 4.20 -4.94 -15.56
C TYR A 179 3.65 -4.53 -14.21
N ALA A 180 4.40 -4.83 -13.16
CA ALA A 180 4.01 -4.52 -11.81
C ALA A 180 4.87 -3.45 -11.23
N GLN A 181 4.28 -2.34 -10.79
CA GLN A 181 5.10 -1.29 -10.16
C GLN A 181 5.14 -1.42 -8.63
N PHE A 182 6.35 -1.43 -8.09
CA PHE A 182 6.62 -1.48 -6.66
C PHE A 182 7.13 -0.10 -6.23
N PRO A 183 6.81 0.33 -5.01
CA PRO A 183 7.35 1.65 -4.69
C PRO A 183 8.92 1.78 -4.69
N GLY A 184 9.64 0.72 -4.33
CA GLY A 184 11.09 0.83 -4.32
C GLY A 184 11.48 1.78 -3.23
N PRO A 185 12.74 2.21 -3.15
CA PRO A 185 13.86 1.91 -4.08
C PRO A 185 14.53 0.53 -3.93
N HIS A 186 14.29 -0.15 -2.80
CA HIS A 186 14.85 -1.48 -2.60
C HIS A 186 14.31 -2.43 -3.68
N TYR A 187 15.08 -3.43 -4.08
CA TYR A 187 14.60 -4.43 -5.03
C TYR A 187 13.76 -5.48 -4.25
N GLU A 188 13.01 -6.30 -4.94
CA GLU A 188 12.18 -7.29 -4.30
C GLU A 188 12.94 -8.50 -3.79
N THR A 189 12.43 -9.13 -2.73
CA THR A 189 13.05 -10.35 -2.24
C THR A 189 12.56 -11.50 -3.13
N PRO A 190 13.27 -12.64 -3.08
CA PRO A 190 12.80 -13.74 -3.91
C PRO A 190 11.27 -14.06 -3.57
N ALA A 191 10.85 -13.92 -2.30
CA ALA A 191 9.42 -14.19 -1.92
C ALA A 191 8.53 -13.12 -2.59
N GLU A 192 8.95 -11.86 -2.54
CA GLU A 192 8.18 -10.86 -3.23
C GLU A 192 8.09 -11.08 -4.74
N VAL A 193 9.15 -11.60 -5.36
CA VAL A 193 9.14 -11.83 -6.83
C VAL A 193 8.20 -12.95 -7.12
N ARG A 194 8.25 -13.99 -6.29
CA ARG A 194 7.30 -15.11 -6.48
C ARG A 194 5.89 -14.55 -6.37
N MET A 195 5.72 -13.68 -5.36
CA MET A 195 4.41 -13.01 -5.14
C MET A 195 3.96 -12.34 -6.42
N ALA A 196 4.80 -11.49 -6.99
CA ALA A 196 4.40 -10.81 -8.26
C ALA A 196 4.02 -11.79 -9.37
N GLY A 197 4.71 -12.92 -9.52
CA GLY A 197 4.31 -13.88 -10.57
C GLY A 197 2.94 -14.48 -10.23
N ILE A 198 2.70 -14.82 -8.97
CA ILE A 198 1.37 -15.33 -8.56
C ILE A 198 0.30 -14.25 -8.88
N LEU A 199 0.61 -12.98 -8.67
CA LEU A 199 -0.39 -11.96 -8.98
C LEU A 199 -0.63 -11.74 -10.46
N GLY A 200 0.22 -12.31 -11.31
CA GLY A 200 0.01 -12.14 -12.76
C GLY A 200 0.98 -11.19 -13.49
N ALA A 201 2.05 -10.75 -12.83
CA ALA A 201 3.04 -9.85 -13.44
C ALA A 201 4.09 -10.61 -14.25
N ASP A 202 4.70 -9.99 -15.26
CA ASP A 202 5.77 -10.68 -16.02
C ASP A 202 7.02 -9.89 -15.79
N LEU A 203 6.84 -8.64 -15.35
CA LEU A 203 7.93 -7.68 -15.14
C LEU A 203 7.75 -6.83 -13.90
N VAL A 204 8.81 -6.54 -13.18
CA VAL A 204 8.71 -5.69 -12.01
C VAL A 204 9.66 -4.52 -12.11
N GLY A 205 9.16 -3.36 -11.66
CA GLY A 205 9.96 -2.17 -11.65
C GLY A 205 9.43 -1.13 -10.67
N MET A 206 9.89 0.11 -10.83
CA MET A 206 9.53 1.20 -9.95
C MET A 206 9.05 2.44 -10.63
N SER A 207 8.45 2.34 -11.80
CA SER A 207 7.99 3.59 -12.38
C SER A 207 6.85 3.22 -13.27
N THR A 208 6.43 4.17 -14.10
CA THR A 208 5.47 3.89 -15.15
C THR A 208 3.96 3.80 -15.01
N THR A 209 3.43 2.99 -14.08
CA THR A 209 1.98 2.84 -14.03
C THR A 209 1.33 4.11 -13.60
N LEU A 210 1.92 4.87 -12.68
CA LEU A 210 1.34 6.15 -12.23
C LEU A 210 1.35 7.14 -13.43
N GLU A 211 2.44 7.13 -14.19
CA GLU A 211 2.54 8.03 -15.35
C GLU A 211 1.53 7.55 -16.36
N ALA A 212 1.41 6.25 -16.52
CA ALA A 212 0.41 5.81 -17.51
C ALA A 212 -1.06 6.24 -17.18
N ILE A 213 -1.40 6.24 -15.88
CA ILE A 213 -2.74 6.58 -15.40
C ILE A 213 -2.90 8.07 -15.62
N ALA A 214 -1.94 8.85 -15.20
CA ALA A 214 -2.09 10.27 -15.47
C ALA A 214 -2.20 10.57 -16.98
N ALA A 215 -1.57 9.76 -17.83
CA ALA A 215 -1.62 10.05 -19.27
C ALA A 215 -2.97 9.76 -19.86
N ARG A 216 -3.56 8.64 -19.46
CA ARG A 216 -4.87 8.28 -19.95
C ARG A 216 -5.92 9.27 -19.41
N HIS A 217 -5.73 9.77 -18.21
CA HIS A 217 -6.71 10.72 -17.71
C HIS A 217 -6.64 11.93 -18.63
N CYS A 218 -5.46 12.21 -19.18
CA CYS A 218 -5.33 13.37 -20.06
C CYS A 218 -5.63 13.07 -21.50
N GLY A 219 -6.05 11.84 -21.76
CA GLY A 219 -6.41 11.50 -23.11
C GLY A 219 -5.32 11.09 -24.09
N LEU A 220 -4.12 10.86 -23.61
CA LEU A 220 -2.99 10.43 -24.48
C LEU A 220 -3.07 8.93 -24.76
N GLU A 221 -2.64 8.54 -25.94
CA GLU A 221 -2.55 7.11 -26.27
C GLU A 221 -1.18 6.71 -25.70
N VAL A 222 -1.06 5.55 -25.07
CA VAL A 222 0.22 5.24 -24.44
C VAL A 222 0.87 3.98 -24.97
N LEU A 223 2.19 4.03 -25.17
CA LEU A 223 2.92 2.82 -25.61
C LEU A 223 3.89 2.57 -24.51
N GLY A 224 3.92 1.41 -23.88
CA GLY A 224 4.94 1.23 -22.89
C GLY A 224 5.94 0.18 -23.38
N VAL A 225 7.21 0.37 -23.10
CA VAL A 225 8.20 -0.63 -23.58
C VAL A 225 9.18 -0.85 -22.45
N SER A 226 9.35 -2.08 -22.06
CA SER A 226 10.30 -2.31 -21.02
C SER A 226 11.58 -2.93 -21.60
N LEU A 227 12.70 -2.61 -20.97
CA LEU A 227 13.94 -3.26 -21.26
C LEU A 227 14.28 -4.12 -20.01
N VAL A 228 14.26 -5.43 -20.16
CA VAL A 228 14.64 -6.29 -19.03
C VAL A 228 16.16 -6.04 -18.77
N THR A 229 16.48 -5.47 -17.62
CA THR A 229 17.81 -5.14 -17.12
C THR A 229 18.48 -6.47 -16.76
N ASN A 230 17.63 -7.36 -16.25
CA ASN A 230 17.97 -8.73 -15.95
C ASN A 230 16.85 -9.44 -15.20
N LEU A 231 17.07 -10.70 -14.93
CA LEU A 231 16.09 -11.52 -14.24
C LEU A 231 15.95 -11.11 -12.78
N ALA A 232 14.71 -11.13 -12.28
CA ALA A 232 14.42 -10.76 -10.88
C ALA A 232 14.97 -11.83 -9.93
N ALA A 233 15.18 -11.43 -8.68
CA ALA A 233 15.72 -12.35 -7.62
C ALA A 233 15.02 -13.74 -7.56
N GLY A 234 15.82 -14.80 -7.58
CA GLY A 234 15.26 -16.13 -7.58
C GLY A 234 14.77 -16.71 -8.93
N ILE A 235 14.74 -15.92 -9.99
CA ILE A 235 14.25 -16.46 -11.25
C ILE A 235 15.29 -17.29 -11.97
N SER A 236 16.51 -16.76 -11.90
CA SER A 236 17.68 -17.35 -12.52
C SER A 236 18.45 -18.24 -11.55
N PRO A 237 18.61 -19.54 -11.90
CA PRO A 237 19.34 -20.47 -11.05
C PRO A 237 20.75 -19.91 -11.00
N THR A 238 21.21 -19.41 -12.17
CA THR A 238 22.54 -18.81 -12.31
C THR A 238 22.51 -17.28 -12.57
N PRO A 239 22.66 -16.47 -11.51
CA PRO A 239 22.68 -15.00 -11.46
C PRO A 239 23.77 -14.34 -12.31
N LEU A 240 23.40 -13.41 -13.19
CA LEU A 240 24.38 -12.73 -14.03
C LEU A 240 25.28 -11.80 -13.20
N SER A 241 26.55 -11.76 -13.58
CA SER A 241 27.48 -10.88 -12.89
C SER A 241 27.21 -9.43 -13.28
N HIS A 242 27.78 -8.51 -12.54
CA HIS A 242 27.50 -7.15 -12.91
C HIS A 242 27.96 -6.94 -14.35
N ALA A 243 29.19 -7.36 -14.63
CA ALA A 243 29.75 -7.20 -15.98
C ALA A 243 28.80 -7.67 -17.07
N GLU A 244 28.22 -8.84 -16.87
CA GLU A 244 27.26 -9.36 -17.84
C GLU A 244 26.03 -8.48 -18.02
N VAL A 245 25.42 -8.06 -16.91
CA VAL A 245 24.25 -7.22 -16.99
C VAL A 245 24.62 -5.96 -17.77
N ILE A 246 25.72 -5.34 -17.43
CA ILE A 246 26.04 -4.13 -18.14
C ILE A 246 26.27 -4.31 -19.66
N GLU A 247 26.95 -5.41 -20.00
CA GLU A 247 27.24 -5.67 -21.38
C GLU A 247 25.99 -6.01 -22.18
N ALA A 248 25.06 -6.68 -21.52
CA ALA A 248 23.78 -7.05 -22.17
C ALA A 248 23.01 -5.77 -22.47
N GLY A 249 23.12 -4.78 -21.60
CA GLY A 249 22.38 -3.55 -21.82
C GLY A 249 22.99 -2.69 -22.91
N GLN A 250 24.31 -2.76 -23.02
CA GLN A 250 24.98 -1.96 -24.03
C GLN A 250 24.72 -2.60 -25.40
N ALA A 251 24.75 -3.93 -25.43
CA ALA A 251 24.52 -4.71 -26.65
C ALA A 251 23.13 -4.39 -27.23
N ALA A 252 22.21 -4.03 -26.34
CA ALA A 252 20.83 -3.69 -26.71
C ALA A 252 20.68 -2.28 -27.26
N GLY A 253 21.57 -1.36 -26.88
CA GLY A 253 21.49 0.02 -27.37
C GLY A 253 21.11 0.20 -28.84
N PRO A 254 21.85 -0.42 -29.79
CA PRO A 254 21.48 -0.26 -31.19
C PRO A 254 20.08 -0.71 -31.52
N ARG A 255 19.71 -1.89 -31.06
CA ARG A 255 18.37 -2.41 -31.36
C ARG A 255 17.22 -1.46 -30.88
N ILE A 256 17.35 -0.98 -29.66
CA ILE A 256 16.39 -0.10 -28.99
C ILE A 256 16.28 1.26 -29.70
N SER A 257 17.41 1.91 -29.96
CA SER A 257 17.36 3.20 -30.66
C SER A 257 16.80 3.05 -32.08
N ALA A 258 17.09 1.95 -32.76
CA ALA A 258 16.48 1.79 -34.07
C ALA A 258 14.94 1.63 -33.93
N LEU A 259 14.51 0.85 -32.92
CA LEU A 259 13.08 0.63 -32.65
C LEU A 259 12.34 1.96 -32.49
N LEU A 260 12.79 2.82 -31.59
CA LEU A 260 12.08 4.09 -31.41
C LEU A 260 12.10 4.98 -32.63
N ALA A 261 13.24 5.01 -33.31
CA ALA A 261 13.36 5.83 -34.54
C ALA A 261 12.30 5.36 -35.51
N ASP A 262 12.21 4.05 -35.74
CA ASP A 262 11.19 3.57 -36.68
C ASP A 262 9.74 3.80 -36.21
N ILE A 263 9.49 3.56 -34.91
CA ILE A 263 8.18 3.75 -34.39
C ILE A 263 7.76 5.22 -34.53
N ALA A 264 8.63 6.11 -34.12
CA ALA A 264 8.35 7.53 -34.17
C ALA A 264 7.79 8.03 -35.51
N LYS A 265 8.14 7.37 -36.59
CA LYS A 265 7.66 7.77 -37.90
C LYS A 265 6.37 7.02 -38.23
N ARG A 266 5.99 6.08 -37.37
CA ARG A 266 4.84 5.18 -37.50
C ARG A 266 5.13 3.97 -38.43
N PRO B 1 19.48 17.96 15.56
CA PRO B 1 18.55 18.15 14.40
C PRO B 1 17.43 17.10 14.42
N PRO B 2 16.17 17.53 14.33
CA PRO B 2 15.03 16.61 14.34
C PRO B 2 15.00 15.57 13.19
N LEU B 3 15.01 14.30 13.59
CA LEU B 3 14.95 13.15 12.67
C LEU B 3 13.79 13.39 11.70
N ASP B 4 12.77 14.04 12.24
CA ASP B 4 11.55 14.46 11.57
C ASP B 4 11.76 15.31 10.30
N ASP B 5 12.53 16.38 10.45
CA ASP B 5 12.73 17.28 9.34
C ASP B 5 13.35 16.59 8.13
N PRO B 6 12.67 16.61 6.99
CA PRO B 6 13.16 15.99 5.77
C PRO B 6 14.61 16.37 5.37
N ALA B 7 15.05 17.58 5.77
CA ALA B 7 16.40 18.09 5.52
C ALA B 7 17.46 17.29 6.30
N THR B 8 17.08 16.82 7.49
CA THR B 8 17.98 16.07 8.35
C THR B 8 18.44 14.76 7.74
N ASP B 9 19.72 14.44 7.96
CA ASP B 9 20.30 13.20 7.44
C ASP B 9 20.10 12.17 8.55
N PRO B 10 19.27 11.16 8.33
CA PRO B 10 19.07 10.18 9.41
C PRO B 10 20.33 9.51 9.91
N PHE B 11 21.28 9.30 9.02
CA PHE B 11 22.49 8.61 9.43
C PHE B 11 23.38 9.43 10.35
N LEU B 12 23.33 10.75 10.23
CA LEU B 12 24.10 11.60 11.14
C LEU B 12 23.47 11.57 12.57
N VAL B 13 22.14 11.47 12.63
CA VAL B 13 21.49 11.39 13.93
C VAL B 13 21.91 10.02 14.53
N ALA B 14 21.91 8.95 13.73
CA ALA B 14 22.35 7.65 14.23
C ALA B 14 23.82 7.73 14.70
N ARG B 15 24.63 8.55 14.03
CA ARG B 15 26.03 8.69 14.45
C ARG B 15 26.08 9.29 15.83
N ALA B 16 25.34 10.36 16.02
CA ALA B 16 25.29 11.03 17.32
C ALA B 16 24.74 10.07 18.35
N ALA B 17 23.79 9.26 17.91
CA ALA B 17 23.20 8.31 18.84
C ALA B 17 24.27 7.32 19.33
N ALA B 18 25.09 6.75 18.42
CA ALA B 18 26.15 5.81 18.82
C ALA B 18 27.17 6.46 19.73
N ASP B 19 27.60 7.67 19.38
CA ASP B 19 28.57 8.39 20.20
C ASP B 19 28.00 8.53 21.62
N HIS B 20 26.74 8.97 21.74
CA HIS B 20 26.15 9.09 23.08
C HIS B 20 26.19 7.74 23.84
N ILE B 21 25.82 6.66 23.17
CA ILE B 21 25.84 5.34 23.79
C ILE B 21 27.22 4.93 24.30
N ALA B 22 28.24 5.17 23.47
CA ALA B 22 29.61 4.76 23.80
C ALA B 22 30.06 5.51 25.05
N GLN B 23 29.72 6.77 25.09
CA GLN B 23 30.12 7.61 26.19
C GLN B 23 29.35 7.33 27.47
N ALA B 24 28.05 7.03 27.35
CA ALA B 24 27.19 6.77 28.49
C ALA B 24 27.42 5.41 29.08
N THR B 25 27.94 4.50 28.25
CA THR B 25 28.12 3.13 28.69
C THR B 25 29.54 2.74 28.97
N GLY B 26 30.47 3.46 28.34
CA GLY B 26 31.87 3.16 28.52
C GLY B 26 32.32 2.08 27.56
N VAL B 27 31.42 1.60 26.71
CA VAL B 27 31.76 0.56 25.75
C VAL B 27 31.90 1.20 24.36
N GLU B 28 33.14 1.31 23.88
CA GLU B 28 33.44 1.96 22.60
C GLU B 28 32.69 1.38 21.40
N GLY B 29 32.49 0.08 21.38
CA GLY B 29 31.74 -0.44 20.27
C GLY B 29 30.94 -1.66 20.68
N HIS B 30 29.84 -1.90 19.99
CA HIS B 30 29.07 -3.09 20.32
C HIS B 30 29.24 -4.11 19.20
N ASP B 31 29.06 -5.40 19.53
CA ASP B 31 29.18 -6.46 18.56
C ASP B 31 27.89 -7.00 18.02
N MET B 32 26.81 -6.93 18.79
CA MET B 32 25.54 -7.43 18.26
C MET B 32 24.43 -6.54 18.82
N ALA B 33 23.30 -6.42 18.15
CA ALA B 33 22.19 -5.63 18.72
C ALA B 33 20.91 -6.52 18.74
N LEU B 34 20.08 -6.36 19.77
CA LEU B 34 18.82 -7.13 19.80
C LEU B 34 17.63 -6.23 19.92
N VAL B 35 16.64 -6.51 19.08
CA VAL B 35 15.39 -5.80 19.13
C VAL B 35 14.37 -6.89 19.68
N LEU B 36 13.84 -6.64 20.89
CA LEU B 36 12.88 -7.57 21.55
C LEU B 36 11.44 -7.21 21.19
N GLY B 37 10.77 -8.06 20.42
CA GLY B 37 9.38 -7.76 20.07
C GLY B 37 8.34 -8.18 21.13
N SER B 38 7.09 -8.28 20.69
CA SER B 38 5.98 -8.67 21.55
C SER B 38 6.17 -10.06 22.11
N GLY B 39 6.24 -10.16 23.42
CA GLY B 39 6.40 -11.48 24.02
C GLY B 39 7.85 -11.77 24.31
N TRP B 40 8.73 -10.91 23.82
CA TRP B 40 10.16 -11.18 24.04
C TRP B 40 10.74 -10.32 25.16
N GLY B 41 9.89 -9.49 25.78
CA GLY B 41 10.33 -8.57 26.81
C GLY B 41 11.36 -8.98 27.85
N GLY B 42 11.31 -10.23 28.29
CA GLY B 42 12.22 -10.65 29.32
C GLY B 42 13.16 -11.68 28.81
N ALA B 43 13.10 -11.83 27.49
CA ALA B 43 13.92 -12.79 26.83
C ALA B 43 15.39 -12.40 26.84
N ALA B 44 15.75 -11.28 27.47
CA ALA B 44 17.15 -10.84 27.51
C ALA B 44 17.72 -10.85 28.90
N GLU B 45 17.04 -11.56 29.80
CA GLU B 45 17.50 -11.61 31.18
C GLU B 45 18.68 -12.56 31.37
N LEU B 46 18.74 -13.61 30.56
CA LEU B 46 19.80 -14.60 30.64
C LEU B 46 20.98 -14.34 29.68
N LEU B 47 20.96 -13.22 28.98
CA LEU B 47 21.98 -12.89 27.99
C LEU B 47 23.38 -12.78 28.58
N GLY B 48 23.44 -12.10 29.72
CA GLY B 48 24.70 -11.89 30.41
C GLY B 48 24.59 -10.78 31.43
N GLU B 49 25.73 -10.25 31.89
CA GLU B 49 25.74 -9.18 32.88
C GLU B 49 25.52 -7.76 32.37
N VAL B 50 24.48 -7.08 32.86
CA VAL B 50 24.24 -5.73 32.40
C VAL B 50 25.39 -4.85 32.81
N VAL B 51 26.00 -4.21 31.82
CA VAL B 51 27.14 -3.34 32.03
C VAL B 51 26.64 -1.93 32.26
N ALA B 52 25.55 -1.58 31.58
CA ALA B 52 24.96 -0.25 31.70
C ALA B 52 23.52 -0.18 31.21
N GLU B 53 22.85 0.84 31.71
CA GLU B 53 21.47 1.10 31.35
C GLU B 53 21.43 2.55 30.90
N VAL B 54 20.76 2.84 29.81
CA VAL B 54 20.71 4.21 29.36
C VAL B 54 19.31 4.61 29.06
N PRO B 55 18.79 5.62 29.76
CA PRO B 55 17.43 6.05 29.50
C PRO B 55 17.38 6.39 28.02
N THR B 56 16.55 5.62 27.33
CA THR B 56 16.36 5.72 25.92
C THR B 56 16.00 7.11 25.45
N HIS B 57 15.17 7.80 26.20
CA HIS B 57 14.73 9.13 25.81
C HIS B 57 15.88 10.12 25.83
N GLU B 58 17.00 9.70 26.41
CA GLU B 58 18.16 10.60 26.45
C GLU B 58 19.16 10.37 25.31
N ILE B 59 18.86 9.44 24.41
CA ILE B 59 19.76 9.15 23.26
C ILE B 59 19.27 9.93 22.04
N PRO B 60 20.18 10.64 21.36
CA PRO B 60 19.77 11.40 20.18
C PRO B 60 18.85 10.64 19.24
N GLY B 61 17.84 11.34 18.73
CA GLY B 61 16.87 10.77 17.82
C GLY B 61 15.75 9.94 18.42
N PHE B 62 15.86 9.47 19.65
CA PHE B 62 14.73 8.70 20.17
C PHE B 62 13.72 9.62 20.89
N SER B 63 12.69 9.01 21.47
CA SER B 63 11.64 9.72 22.26
C SER B 63 10.34 8.90 22.24
N SER B 64 11.59 2.83 29.75
CA SER B 64 12.46 2.53 28.60
C SER B 64 13.92 2.83 28.85
N VAL B 65 14.70 1.77 28.94
CA VAL B 65 16.11 1.83 29.20
C VAL B 65 16.80 0.99 28.11
N THR B 66 17.89 1.50 27.53
CA THR B 66 18.65 0.75 26.52
C THR B 66 19.77 0.11 27.31
N ARG B 67 20.02 -1.17 27.08
CA ARG B 67 21.03 -1.85 27.86
C ARG B 67 22.24 -2.37 27.11
N SER B 68 23.38 -2.30 27.78
CA SER B 68 24.65 -2.77 27.24
C SER B 68 24.96 -4.01 28.04
N ILE B 69 24.91 -5.16 27.41
CA ILE B 69 25.16 -6.42 28.13
C ILE B 69 26.42 -7.14 27.70
N ARG B 70 27.12 -7.64 28.69
CA ARG B 70 28.36 -8.35 28.43
C ARG B 70 28.01 -9.82 28.23
N VAL B 71 28.25 -10.34 27.03
CA VAL B 71 27.95 -11.74 26.76
C VAL B 71 29.22 -12.55 26.90
N GLU B 72 29.19 -13.60 27.70
CA GLU B 72 30.41 -14.37 27.88
C GLU B 72 30.40 -15.64 27.04
N ARG B 73 31.38 -15.80 26.17
CA ARG B 73 31.39 -17.00 25.35
C ARG B 73 32.14 -18.15 25.97
N ALA B 74 32.01 -19.29 25.30
CA ALA B 74 32.63 -20.57 25.68
C ALA B 74 34.12 -20.44 25.94
N ASP B 75 34.87 -19.92 24.97
CA ASP B 75 36.31 -19.72 25.09
C ASP B 75 36.64 -18.46 25.88
N GLY B 76 35.82 -18.15 26.89
CA GLY B 76 36.06 -16.98 27.73
C GLY B 76 36.06 -15.60 27.09
N SER B 77 35.99 -15.53 25.76
CA SER B 77 35.99 -14.23 25.10
C SER B 77 34.66 -13.57 25.40
N VAL B 78 34.61 -12.25 25.26
CA VAL B 78 33.35 -11.57 25.52
C VAL B 78 32.92 -10.72 24.35
N ARG B 79 31.61 -10.47 24.31
CA ARG B 79 31.01 -9.67 23.27
C ARG B 79 30.07 -8.72 23.99
N HIS B 80 29.78 -7.61 23.36
CA HIS B 80 28.87 -6.66 23.94
C HIS B 80 27.64 -6.63 23.07
N ALA B 81 26.50 -6.80 23.73
CA ALA B 81 25.22 -6.84 23.05
C ALA B 81 24.47 -5.55 23.39
N LEU B 82 23.91 -4.92 22.38
CA LEU B 82 23.19 -3.69 22.62
C LEU B 82 21.74 -4.17 22.59
N VAL B 83 21.02 -3.95 23.69
CA VAL B 83 19.58 -4.32 23.75
C VAL B 83 18.84 -3.00 23.71
N LEU B 84 18.23 -2.71 22.57
CA LEU B 84 17.55 -1.44 22.39
C LEU B 84 16.32 -1.36 23.29
N GLY B 85 16.13 -0.19 23.87
CA GLY B 85 15.06 0.10 24.80
C GLY B 85 13.65 0.03 24.27
N SER B 86 13.30 0.81 23.26
CA SER B 86 11.92 0.74 22.78
C SER B 86 11.90 0.33 21.34
N ARG B 87 10.72 0.38 20.76
CA ARG B 87 10.50 0.01 19.39
C ARG B 87 9.41 0.96 18.90
N THR B 88 9.56 1.52 17.71
CA THR B 88 8.57 2.40 17.15
C THR B 88 7.95 1.66 16.00
N HIS B 89 6.62 1.47 16.04
CA HIS B 89 5.91 0.81 14.98
C HIS B 89 5.52 1.78 13.89
N LEU B 90 5.33 1.23 12.70
CA LEU B 90 4.92 2.02 11.55
C LEU B 90 3.54 2.68 11.82
N TYR B 91 2.63 1.93 12.47
CA TYR B 91 1.30 2.44 12.69
C TYR B 91 1.21 3.63 13.62
N GLU B 92 2.31 4.05 14.25
CA GLU B 92 2.27 5.20 15.16
C GLU B 92 2.33 6.48 14.35
N GLY B 93 2.60 6.34 13.06
CA GLY B 93 2.64 7.51 12.20
C GLY B 93 3.78 8.49 12.40
N LYS B 94 4.85 8.07 13.06
CA LYS B 94 5.99 8.95 13.27
C LYS B 94 6.97 8.89 12.09
N GLY B 95 6.61 8.25 10.99
CA GLY B 95 7.50 8.14 9.86
C GLY B 95 8.38 6.89 9.86
N VAL B 96 8.82 6.46 8.69
CA VAL B 96 9.66 5.29 8.63
C VAL B 96 11.06 5.52 9.26
N ARG B 97 11.49 6.76 9.39
CA ARG B 97 12.79 7.04 10.03
C ARG B 97 12.86 6.66 11.49
N ALA B 98 11.81 7.01 12.23
CA ALA B 98 11.75 6.67 13.66
C ALA B 98 11.67 5.14 13.79
N VAL B 99 11.02 4.49 12.84
CA VAL B 99 10.95 3.05 12.85
C VAL B 99 12.36 2.37 12.72
N VAL B 100 13.29 2.90 11.91
CA VAL B 100 14.62 2.19 11.71
C VAL B 100 15.83 2.79 12.41
N HIS B 101 15.57 3.86 13.16
CA HIS B 101 16.63 4.54 13.90
C HIS B 101 17.39 3.62 14.85
N GLY B 102 16.69 2.72 15.51
CA GLY B 102 17.39 1.82 16.39
C GLY B 102 18.35 0.92 15.60
N VAL B 103 17.93 0.46 14.43
CA VAL B 103 18.81 -0.38 13.62
C VAL B 103 20.08 0.42 13.07
N ARG B 104 19.86 1.61 12.55
CA ARG B 104 20.94 2.45 12.04
C ARG B 104 21.85 2.80 13.22
N THR B 105 21.29 2.94 14.42
CA THR B 105 22.11 3.30 15.57
C THR B 105 22.97 2.11 15.95
N ALA B 106 22.45 0.91 15.82
CA ALA B 106 23.23 -0.22 16.25
C ALA B 106 24.42 -0.39 15.31
N ALA B 107 24.14 -0.18 14.03
CA ALA B 107 25.16 -0.28 12.99
C ALA B 107 26.28 0.71 13.29
N ALA B 108 25.91 1.93 13.69
CA ALA B 108 26.93 2.93 13.99
C ALA B 108 27.80 2.62 15.21
N THR B 109 27.35 1.73 16.09
CA THR B 109 28.14 1.38 17.28
C THR B 109 29.05 0.29 16.75
N GLY B 110 28.80 -0.12 15.51
CA GLY B 110 29.61 -1.17 14.94
C GLY B 110 29.15 -2.58 15.22
N ALA B 111 27.88 -2.77 15.53
CA ALA B 111 27.40 -4.11 15.84
C ALA B 111 27.12 -4.76 14.50
N GLU B 112 27.88 -5.76 14.10
CA GLU B 112 27.58 -6.27 12.78
C GLU B 112 26.45 -7.26 12.69
N THR B 113 26.07 -7.81 13.85
CA THR B 113 25.00 -8.79 13.95
C THR B 113 23.71 -8.19 14.52
N LEU B 114 22.57 -8.37 13.84
CA LEU B 114 21.30 -7.82 14.33
C LEU B 114 20.34 -8.98 14.55
N ILE B 115 19.78 -9.02 15.76
CA ILE B 115 18.75 -10.03 16.11
C ILE B 115 17.37 -9.31 16.25
N LEU B 116 16.51 -9.61 15.29
CA LEU B 116 15.19 -9.02 15.22
C LEU B 116 14.18 -10.09 15.65
N THR B 117 13.33 -9.76 16.64
CA THR B 117 12.30 -10.70 17.10
C THR B 117 10.95 -9.98 17.03
N ASN B 118 9.88 -10.75 16.90
CA ASN B 118 8.53 -10.14 16.88
C ASN B 118 7.52 -11.20 17.30
N GLY B 119 6.26 -10.76 17.42
CA GLY B 119 5.16 -11.64 17.79
C GLY B 119 4.30 -11.63 16.56
N CYS B 120 3.74 -12.74 16.15
CA CYS B 120 2.94 -12.70 14.95
C CYS B 120 1.90 -13.81 14.97
N GLY B 121 1.06 -13.77 13.94
CA GLY B 121 0.04 -14.78 13.75
C GLY B 121 0.54 -15.84 12.79
N GLY B 122 0.32 -17.13 13.07
CA GLY B 122 0.79 -18.19 12.23
C GLY B 122 -0.29 -18.74 11.31
N LEU B 123 0.15 -19.21 10.16
CA LEU B 123 -0.75 -19.75 9.15
C LEU B 123 -0.54 -21.23 9.06
N ASN B 124 0.46 -21.70 9.76
CA ASN B 124 0.72 -23.10 9.72
C ASN B 124 0.12 -23.77 10.98
N GLN B 125 -0.79 -24.71 10.79
CA GLN B 125 -1.39 -25.35 11.95
C GLN B 125 -0.41 -26.12 12.82
N GLU B 126 0.74 -26.51 12.28
CA GLU B 126 1.70 -27.25 13.11
C GLU B 126 2.37 -26.34 14.12
N TRP B 127 2.23 -25.01 13.97
CA TRP B 127 2.88 -24.11 14.93
C TRP B 127 1.88 -23.36 15.82
N GLY B 128 1.51 -23.93 16.95
CA GLY B 128 0.56 -23.27 17.83
C GLY B 128 1.19 -22.15 18.64
N ALA B 129 0.36 -21.39 19.35
CA ALA B 129 0.78 -20.28 20.20
C ALA B 129 2.02 -20.68 20.94
N GLY B 130 3.00 -19.80 21.05
CA GLY B 130 4.21 -20.20 21.76
C GLY B 130 5.35 -20.79 20.92
N THR B 131 5.18 -21.04 19.63
CA THR B 131 6.24 -21.58 18.75
C THR B 131 7.21 -20.53 18.17
N PRO B 132 8.52 -20.67 18.41
CA PRO B 132 9.46 -19.69 17.82
C PRO B 132 9.77 -20.17 16.41
N VAL B 133 9.69 -19.27 15.42
CA VAL B 133 9.91 -19.59 14.02
C VAL B 133 10.99 -18.70 13.40
N LEU B 134 11.93 -19.31 12.65
CA LEU B 134 13.03 -18.53 12.02
C LEU B 134 12.55 -17.93 10.72
N LEU B 135 12.88 -16.65 10.51
CA LEU B 135 12.49 -16.04 9.23
C LEU B 135 13.44 -16.46 8.13
N SER B 136 12.91 -17.02 7.04
CA SER B 136 13.80 -17.41 5.95
C SER B 136 13.76 -16.30 4.86
N ASP B 137 12.66 -15.54 4.81
CA ASP B 137 12.48 -14.50 3.83
C ASP B 137 11.22 -13.70 4.28
N HIS B 138 10.88 -12.64 3.55
CA HIS B 138 9.76 -11.81 3.92
C HIS B 138 9.11 -11.20 2.74
N ILE B 139 7.92 -10.69 2.98
CA ILE B 139 7.10 -10.03 2.00
C ILE B 139 6.63 -8.78 2.68
N ASN B 140 7.01 -7.64 2.14
CA ASN B 140 6.66 -6.34 2.70
C ASN B 140 5.38 -5.86 2.05
N LEU B 141 4.29 -5.82 2.82
CA LEU B 141 3.03 -5.36 2.26
C LEU B 141 2.64 -3.98 2.73
N THR B 142 3.58 -3.24 3.33
CA THR B 142 3.29 -1.89 3.79
C THR B 142 3.28 -0.77 2.73
N ALA B 143 3.78 -1.06 1.53
CA ALA B 143 3.97 -0.09 0.41
C ALA B 143 4.89 1.04 0.85
N ARG B 144 5.71 0.78 1.87
CA ARG B 144 6.68 1.74 2.36
C ARG B 144 8.09 1.11 2.24
N SER B 145 9.13 1.96 2.33
CA SER B 145 10.52 1.49 2.33
C SER B 145 11.28 2.40 3.23
N PRO B 146 12.25 1.89 3.99
CA PRO B 146 13.02 2.81 4.85
C PRO B 146 14.12 3.59 4.10
N LEU B 147 14.31 3.26 2.82
CA LEU B 147 15.37 3.90 2.04
C LEU B 147 14.83 5.10 1.28
N GLU B 148 15.54 6.21 1.31
CA GLU B 148 15.19 7.45 0.62
C GLU B 148 16.11 7.63 -0.63
N GLY B 149 15.66 8.14 -1.75
CA GLY B 149 16.59 8.26 -2.87
C GLY B 149 17.02 6.94 -3.54
N PRO B 150 17.79 7.02 -4.63
CA PRO B 150 18.33 5.95 -5.47
C PRO B 150 19.24 4.99 -4.74
N THR B 151 18.70 4.31 -3.75
CA THR B 151 19.46 3.37 -2.96
C THR B 151 18.99 1.98 -3.37
N PHE B 152 19.74 1.36 -4.27
CA PHE B 152 19.38 0.04 -4.77
C PHE B 152 20.09 -1.12 -4.06
N VAL B 153 19.48 -1.47 -2.93
CA VAL B 153 19.94 -2.55 -2.05
C VAL B 153 19.46 -3.89 -2.60
N ASP B 154 20.35 -4.87 -2.60
CA ASP B 154 19.98 -6.20 -3.03
C ASP B 154 19.40 -6.92 -1.77
N LEU B 155 18.20 -7.48 -1.91
CA LEU B 155 17.57 -8.18 -0.80
C LEU B 155 17.44 -9.66 -1.14
N THR B 156 18.47 -10.20 -1.78
CA THR B 156 18.44 -11.59 -2.16
C THR B 156 18.58 -12.47 -0.97
N ASP B 157 19.39 -12.11 0.01
CA ASP B 157 19.41 -13.02 1.17
C ASP B 157 19.38 -12.17 2.45
N VAL B 158 18.26 -11.47 2.66
CA VAL B 158 18.06 -10.60 3.83
C VAL B 158 18.36 -11.29 5.16
N TYR B 159 17.96 -12.53 5.26
CA TYR B 159 18.11 -13.27 6.50
C TYR B 159 19.21 -14.28 6.26
N SER B 160 20.34 -13.98 6.84
CA SER B 160 21.54 -14.79 6.68
C SER B 160 21.49 -16.25 6.92
N PRO B 161 21.74 -17.02 5.87
CA PRO B 161 21.74 -18.48 6.09
C PRO B 161 22.69 -18.84 7.23
N ARG B 162 23.82 -18.14 7.28
CA ARG B 162 24.82 -18.41 8.32
C ARG B 162 24.16 -18.33 9.73
N LEU B 163 23.35 -17.32 9.92
CA LEU B 163 22.78 -17.18 11.25
C LEU B 163 21.71 -18.20 11.54
N ARG B 164 20.97 -18.57 10.51
CA ARG B 164 19.95 -19.58 10.72
C ARG B 164 20.59 -20.92 11.12
N GLU B 165 21.75 -21.22 10.52
CA GLU B 165 22.48 -22.45 10.83
C GLU B 165 22.94 -22.42 12.28
N LEU B 166 23.40 -21.29 12.78
CA LEU B 166 23.79 -21.25 14.18
C LEU B 166 22.55 -21.44 15.09
N ALA B 167 21.42 -20.82 14.71
CA ALA B 167 20.20 -20.94 15.48
C ALA B 167 19.91 -22.42 15.53
N HIS B 168 19.98 -23.10 14.39
CA HIS B 168 19.75 -24.56 14.39
C HIS B 168 20.76 -25.36 15.23
N ARG B 169 21.89 -24.76 15.62
CA ARG B 169 22.82 -25.50 16.48
C ARG B 169 22.26 -25.50 17.89
N VAL B 170 21.62 -24.39 18.24
CA VAL B 170 21.07 -24.34 19.57
C VAL B 170 19.78 -25.16 19.68
N ASP B 171 19.00 -25.21 18.59
CA ASP B 171 17.77 -25.98 18.57
C ASP B 171 17.52 -26.43 17.17
N PRO B 172 17.99 -27.61 16.83
CA PRO B 172 17.75 -28.08 15.47
C PRO B 172 16.31 -28.19 15.02
N THR B 173 15.35 -28.16 15.96
CA THR B 173 13.95 -28.32 15.59
C THR B 173 13.26 -27.04 15.11
N LEU B 174 13.85 -25.88 15.29
CA LEU B 174 13.16 -24.67 14.85
C LEU B 174 12.70 -24.65 13.39
N PRO B 175 11.40 -24.34 13.14
CA PRO B 175 10.91 -24.28 11.76
C PRO B 175 11.35 -22.94 11.13
N GLU B 176 11.09 -22.79 9.83
CA GLU B 176 11.46 -21.58 9.08
C GLU B 176 10.26 -21.22 8.29
N GLY B 177 10.05 -19.91 8.13
CA GLY B 177 8.91 -19.41 7.38
C GLY B 177 9.18 -18.01 6.81
N VAL B 178 8.33 -17.67 5.86
CA VAL B 178 8.26 -16.43 5.15
C VAL B 178 7.27 -15.56 5.93
N TYR B 179 7.72 -14.41 6.38
CA TYR B 179 6.92 -13.48 7.11
C TYR B 179 6.42 -12.35 6.24
N ALA B 180 5.12 -12.02 6.34
CA ALA B 180 4.46 -10.90 5.64
C ALA B 180 4.14 -9.77 6.64
N GLN B 181 4.43 -8.53 6.27
CA GLN B 181 4.25 -7.41 7.18
C GLN B 181 3.12 -6.54 6.65
N PHE B 182 2.07 -6.37 7.47
CA PHE B 182 0.93 -5.52 7.13
C PHE B 182 1.10 -4.28 7.92
N PRO B 183 0.52 -3.19 7.44
CA PRO B 183 0.73 -1.99 8.25
C PRO B 183 0.22 -1.98 9.73
N GLY B 184 -0.83 -2.75 10.06
CA GLY B 184 -1.34 -2.77 11.45
C GLY B 184 -2.02 -1.43 11.74
N PRO B 185 -2.43 -1.13 13.00
CA PRO B 185 -2.33 -1.98 14.18
C PRO B 185 -3.39 -3.07 14.26
N HIS B 186 -4.48 -2.98 13.50
CA HIS B 186 -5.50 -4.02 13.54
C HIS B 186 -4.93 -5.33 13.03
N TYR B 187 -5.62 -6.44 13.30
CA TYR B 187 -5.21 -7.74 12.77
C TYR B 187 -5.96 -7.96 11.46
N GLU B 188 -5.59 -9.03 10.77
CA GLU B 188 -6.17 -9.41 9.50
C GLU B 188 -7.50 -10.18 9.55
N THR B 189 -8.38 -9.93 8.59
CA THR B 189 -9.62 -10.67 8.59
C THR B 189 -9.34 -12.06 8.01
N PRO B 190 -10.25 -13.00 8.21
CA PRO B 190 -9.96 -14.32 7.62
C PRO B 190 -9.65 -14.28 6.13
N ALA B 191 -10.29 -13.37 5.40
CA ALA B 191 -9.99 -13.30 3.98
C ALA B 191 -8.56 -12.74 3.73
N GLU B 192 -8.08 -11.81 4.54
CA GLU B 192 -6.75 -11.26 4.37
C GLU B 192 -5.72 -12.32 4.71
N VAL B 193 -6.07 -13.19 5.64
CA VAL B 193 -5.18 -14.24 6.03
C VAL B 193 -5.07 -15.23 4.89
N ARG B 194 -6.21 -15.57 4.26
CA ARG B 194 -6.15 -16.51 3.19
C ARG B 194 -5.31 -15.87 2.05
N MET B 195 -5.50 -14.58 1.80
CA MET B 195 -4.74 -13.86 0.78
C MET B 195 -3.25 -13.99 1.12
N ALA B 196 -2.87 -13.75 2.35
CA ALA B 196 -1.47 -13.86 2.72
C ALA B 196 -0.93 -15.25 2.38
N GLY B 197 -1.74 -16.28 2.55
CA GLY B 197 -1.27 -17.63 2.27
C GLY B 197 -1.06 -17.80 0.79
N ILE B 198 -2.01 -17.32 0.00
CA ILE B 198 -1.92 -17.43 -1.44
C ILE B 198 -0.66 -16.73 -1.96
N LEU B 199 -0.28 -15.65 -1.31
CA LEU B 199 0.88 -14.89 -1.69
C LEU B 199 2.18 -15.58 -1.27
N GLY B 200 2.07 -16.63 -0.45
CA GLY B 200 3.21 -17.37 0.03
C GLY B 200 3.71 -17.08 1.44
N ALA B 201 2.99 -16.32 2.25
CA ALA B 201 3.48 -16.10 3.63
C ALA B 201 3.08 -17.27 4.56
N ASP B 202 3.84 -17.48 5.64
CA ASP B 202 3.58 -18.51 6.63
C ASP B 202 3.26 -17.83 7.96
N LEU B 203 3.59 -16.54 8.06
CA LEU B 203 3.44 -15.77 9.27
C LEU B 203 2.95 -14.37 8.90
N VAL B 204 2.20 -13.72 9.80
CA VAL B 204 1.74 -12.34 9.51
C VAL B 204 1.93 -11.47 10.71
N GLY B 205 2.42 -10.27 10.50
CA GLY B 205 2.65 -9.43 11.64
C GLY B 205 2.71 -8.01 11.19
N MET B 206 3.26 -7.15 12.04
CA MET B 206 3.27 -5.74 11.70
C MET B 206 4.56 -4.99 11.94
N SER B 207 5.68 -5.69 11.93
CA SER B 207 6.97 -4.97 12.07
C SER B 207 8.04 -5.74 11.29
N THR B 208 9.31 -5.53 11.69
CA THR B 208 10.42 -6.29 11.15
C THR B 208 10.93 -6.11 9.68
N THR B 209 10.09 -6.11 8.63
CA THR B 209 10.68 -6.01 7.30
C THR B 209 11.32 -4.67 6.99
N LEU B 210 10.74 -3.55 7.42
CA LEU B 210 11.37 -2.27 7.21
C LEU B 210 12.74 -2.20 7.92
N GLU B 211 12.79 -2.76 9.13
CA GLU B 211 13.99 -2.80 9.93
C GLU B 211 15.08 -3.69 9.24
N ALA B 212 14.65 -4.79 8.66
CA ALA B 212 15.53 -5.72 8.03
C ALA B 212 16.12 -5.11 6.75
N ILE B 213 15.33 -4.30 6.04
CA ILE B 213 15.81 -3.67 4.82
C ILE B 213 16.81 -2.59 5.19
N ALA B 214 16.61 -1.91 6.31
CA ALA B 214 17.60 -0.90 6.63
C ALA B 214 18.90 -1.52 7.15
N ALA B 215 18.77 -2.69 7.77
CA ALA B 215 19.92 -3.36 8.33
C ALA B 215 20.86 -3.78 7.17
N ARG B 216 20.27 -4.31 6.12
CA ARG B 216 21.03 -4.79 4.99
C ARG B 216 21.76 -3.61 4.39
N HIS B 217 21.02 -2.54 4.19
CA HIS B 217 21.57 -1.36 3.63
C HIS B 217 22.82 -0.92 4.43
N CYS B 218 22.83 -1.18 5.74
CA CYS B 218 23.97 -0.78 6.54
C CYS B 218 25.03 -1.91 6.54
N GLY B 219 24.73 -2.94 5.78
CA GLY B 219 25.64 -4.08 5.76
C GLY B 219 25.61 -4.99 6.99
N LEU B 220 24.49 -5.06 7.73
CA LEU B 220 24.38 -5.90 8.93
C LEU B 220 23.99 -7.31 8.58
N GLU B 221 24.31 -8.30 9.41
CA GLU B 221 23.91 -9.67 9.14
C GLU B 221 22.64 -9.83 10.05
N VAL B 222 21.53 -10.26 9.49
CA VAL B 222 20.30 -10.33 10.23
C VAL B 222 19.72 -11.71 10.56
N LEU B 223 19.32 -11.88 11.83
CA LEU B 223 18.64 -13.11 12.29
C LEU B 223 17.22 -12.65 12.67
N GLY B 224 16.22 -13.25 12.05
CA GLY B 224 14.84 -12.89 12.36
C GLY B 224 14.18 -14.06 13.11
N VAL B 225 13.61 -13.81 14.28
CA VAL B 225 12.94 -14.87 15.04
C VAL B 225 11.51 -14.43 15.40
N SER B 226 10.53 -15.11 14.85
CA SER B 226 9.11 -14.82 15.10
C SER B 226 8.56 -15.75 16.20
N LEU B 227 7.70 -15.19 17.04
CA LEU B 227 7.01 -15.96 18.11
C LEU B 227 5.55 -16.02 17.66
N VAL B 228 5.06 -17.20 17.35
CA VAL B 228 3.65 -17.31 16.98
C VAL B 228 2.78 -17.00 18.24
N THR B 229 2.08 -15.87 18.26
CA THR B 229 1.21 -15.45 19.38
C THR B 229 0.05 -16.43 19.33
N ASN B 230 -0.42 -16.68 18.11
CA ASN B 230 -1.39 -17.72 17.87
C ASN B 230 -1.75 -17.86 16.39
N LEU B 231 -2.58 -18.84 16.06
CA LEU B 231 -2.96 -19.05 14.70
C LEU B 231 -3.78 -17.85 14.30
N ALA B 232 -3.60 -17.41 13.06
CA ALA B 232 -4.25 -16.21 12.52
C ALA B 232 -5.72 -16.50 12.25
N ALA B 233 -6.50 -15.45 12.03
CA ALA B 233 -7.90 -15.59 11.79
C ALA B 233 -8.30 -16.65 10.73
N GLY B 234 -9.19 -17.54 11.13
CA GLY B 234 -9.74 -18.51 10.22
C GLY B 234 -8.86 -19.70 9.96
N ILE B 235 -7.73 -19.76 10.66
CA ILE B 235 -6.81 -20.88 10.45
C ILE B 235 -7.22 -22.09 11.34
N SER B 236 -7.69 -21.78 12.54
CA SER B 236 -8.12 -22.84 13.42
C SER B 236 -9.64 -22.80 13.47
N PRO B 237 -10.26 -23.97 13.52
CA PRO B 237 -11.72 -24.06 13.59
C PRO B 237 -12.09 -23.76 15.06
N THR B 238 -11.11 -24.06 15.90
CA THR B 238 -11.16 -23.99 17.35
C THR B 238 -10.24 -22.87 17.90
N PRO B 239 -10.56 -21.60 17.64
CA PRO B 239 -9.73 -20.47 18.12
C PRO B 239 -9.57 -20.39 19.61
N LEU B 240 -8.36 -20.10 20.08
CA LEU B 240 -8.10 -19.95 21.51
C LEU B 240 -8.70 -18.61 21.94
N SER B 241 -9.13 -18.49 23.19
CA SER B 241 -9.66 -17.21 23.69
C SER B 241 -8.46 -16.33 24.05
N HIS B 242 -8.71 -15.03 24.12
CA HIS B 242 -7.71 -14.03 24.44
C HIS B 242 -6.98 -14.36 25.73
N ALA B 243 -7.71 -14.83 26.75
CA ALA B 243 -7.04 -15.22 27.97
C ALA B 243 -6.05 -16.37 27.69
N GLU B 244 -6.45 -17.37 26.89
CA GLU B 244 -5.60 -18.52 26.60
C GLU B 244 -4.32 -18.09 25.83
N VAL B 245 -4.50 -17.21 24.84
CA VAL B 245 -3.36 -16.69 24.08
C VAL B 245 -2.37 -16.05 25.05
N ILE B 246 -2.87 -15.18 25.94
CA ILE B 246 -1.96 -14.56 26.87
C ILE B 246 -1.24 -15.60 27.69
N GLU B 247 -1.95 -16.66 28.07
CA GLU B 247 -1.34 -17.60 28.95
C GLU B 247 -0.27 -18.37 28.20
N ALA B 248 -0.59 -18.78 26.98
CA ALA B 248 0.33 -19.50 26.13
C ALA B 248 1.61 -18.66 25.93
N GLY B 249 1.43 -17.34 25.78
CA GLY B 249 2.57 -16.43 25.59
C GLY B 249 3.47 -16.43 26.80
N GLN B 250 2.88 -16.44 27.99
CA GLN B 250 3.66 -16.46 29.23
C GLN B 250 4.51 -17.68 29.45
N ALA B 251 3.93 -18.82 29.11
CA ALA B 251 4.55 -20.11 29.26
C ALA B 251 5.76 -20.31 28.33
N ALA B 252 5.77 -19.65 27.18
CA ALA B 252 6.90 -19.77 26.23
C ALA B 252 8.10 -18.97 26.73
N GLY B 253 7.81 -17.99 27.59
CA GLY B 253 8.82 -17.12 28.17
C GLY B 253 10.16 -17.76 28.44
N PRO B 254 10.16 -18.80 29.26
CA PRO B 254 11.41 -19.49 29.59
C PRO B 254 12.16 -20.07 28.41
N ARG B 255 11.47 -20.85 27.58
CA ARG B 255 12.12 -21.45 26.42
C ARG B 255 12.81 -20.35 25.58
N ILE B 256 11.98 -19.40 25.19
CA ILE B 256 12.32 -18.27 24.39
C ILE B 256 13.52 -17.54 24.86
N SER B 257 13.63 -17.28 26.16
CA SER B 257 14.78 -16.56 26.65
C SER B 257 16.02 -17.41 26.76
N ALA B 258 15.84 -18.73 26.85
CA ALA B 258 17.01 -19.56 26.89
C ALA B 258 17.57 -19.56 25.45
N LEU B 259 16.67 -19.60 24.47
CA LEU B 259 17.07 -19.59 23.06
C LEU B 259 17.95 -18.38 22.69
N LEU B 260 17.50 -17.16 23.00
CA LEU B 260 18.31 -16.03 22.63
C LEU B 260 19.62 -16.07 23.37
N ALA B 261 19.59 -16.38 24.66
CA ALA B 261 20.83 -16.40 25.40
C ALA B 261 21.86 -17.35 24.75
N ASP B 262 21.41 -18.51 24.29
CA ASP B 262 22.35 -19.45 23.71
C ASP B 262 22.83 -19.00 22.36
N ILE B 263 21.91 -18.45 21.56
CA ILE B 263 22.24 -17.98 20.24
C ILE B 263 23.26 -16.85 20.40
N ALA B 264 23.05 -15.96 21.35
CA ALA B 264 23.98 -14.85 21.54
C ALA B 264 25.44 -15.26 21.73
N LYS B 265 25.68 -16.40 22.35
CA LYS B 265 27.06 -16.85 22.54
C LYS B 265 27.59 -17.54 21.28
N ARG B 266 26.68 -17.89 20.37
CA ARG B 266 26.85 -18.63 19.09
C ARG B 266 26.78 -20.17 19.23
N PRO C 1 -11.43 21.61 17.92
CA PRO C 1 -10.10 20.97 17.70
C PRO C 1 -10.06 20.35 16.31
N PRO C 2 -9.13 20.78 15.45
CA PRO C 2 -9.06 20.22 14.09
C PRO C 2 -8.69 18.72 14.07
N LEU C 3 -9.56 17.94 13.42
CA LEU C 3 -9.41 16.50 13.32
C LEU C 3 -8.07 16.12 12.69
N ASP C 4 -7.60 16.92 11.72
CA ASP C 4 -6.33 16.64 11.05
C ASP C 4 -5.05 17.02 11.85
N ASP C 5 -5.19 17.74 12.96
CA ASP C 5 -4.05 18.05 13.80
C ASP C 5 -3.73 16.76 14.58
N PRO C 6 -2.60 16.14 14.30
CA PRO C 6 -2.22 14.93 14.99
C PRO C 6 -2.41 14.86 16.50
N ALA C 7 -2.32 16.00 17.19
CA ALA C 7 -2.50 15.99 18.65
C ALA C 7 -3.96 15.81 19.07
N THR C 8 -4.89 16.11 18.18
CA THR C 8 -6.32 15.98 18.45
C THR C 8 -6.75 14.51 18.74
N ASP C 9 -7.64 14.32 19.72
CA ASP C 9 -8.20 12.99 20.05
C ASP C 9 -9.43 12.83 19.16
N PRO C 10 -9.35 12.02 18.09
CA PRO C 10 -10.51 11.88 17.22
C PRO C 10 -11.82 11.47 17.90
N PHE C 11 -11.71 10.74 19.01
CA PHE C 11 -12.87 10.28 19.75
C PHE C 11 -13.51 11.41 20.52
N LEU C 12 -12.71 12.41 20.88
CA LEU C 12 -13.23 13.57 21.59
C LEU C 12 -14.02 14.36 20.57
N VAL C 13 -13.54 14.37 19.33
CA VAL C 13 -14.27 15.10 18.30
C VAL C 13 -15.58 14.33 17.98
N ALA C 14 -15.53 13.02 18.11
CA ALA C 14 -16.70 12.19 17.83
C ALA C 14 -17.79 12.57 18.87
N ARG C 15 -17.39 12.57 20.14
CA ARG C 15 -18.26 12.95 21.23
C ARG C 15 -18.91 14.28 20.97
N ALA C 16 -18.12 15.29 20.62
CA ALA C 16 -18.68 16.60 20.37
C ALA C 16 -19.60 16.55 19.19
N ALA C 17 -19.29 15.66 18.27
CA ALA C 17 -20.14 15.55 17.10
C ALA C 17 -21.49 15.00 17.55
N ALA C 18 -21.46 13.95 18.36
CA ALA C 18 -22.69 13.32 18.85
C ALA C 18 -23.55 14.30 19.64
N ASP C 19 -22.90 15.07 20.53
CA ASP C 19 -23.61 16.03 21.36
C ASP C 19 -24.33 17.02 20.51
N HIS C 20 -23.64 17.48 19.48
CA HIS C 20 -24.24 18.43 18.61
C HIS C 20 -25.45 17.82 17.98
N ILE C 21 -25.34 16.57 17.58
CA ILE C 21 -26.48 15.93 16.94
C ILE C 21 -27.65 15.76 17.95
N ALA C 22 -27.36 15.39 19.18
CA ALA C 22 -28.41 15.19 20.16
C ALA C 22 -29.18 16.47 20.33
N GLN C 23 -28.50 17.61 20.42
CA GLN C 23 -29.30 18.80 20.65
C GLN C 23 -29.89 19.43 19.41
N ALA C 24 -29.37 19.11 18.24
CA ALA C 24 -29.98 19.71 17.07
C ALA C 24 -31.20 18.91 16.62
N THR C 25 -31.22 17.63 16.96
CA THR C 25 -32.33 16.76 16.57
C THR C 25 -33.34 16.57 17.70
N GLY C 26 -32.89 16.74 18.92
CA GLY C 26 -33.79 16.53 20.03
C GLY C 26 -33.88 15.05 20.36
N VAL C 27 -33.07 14.20 19.68
CA VAL C 27 -33.07 12.77 19.97
C VAL C 27 -31.82 12.50 20.86
N GLU C 28 -32.05 12.04 22.08
CA GLU C 28 -30.95 11.78 23.03
C GLU C 28 -29.99 10.67 22.58
N GLY C 29 -30.49 9.70 21.85
CA GLY C 29 -29.63 8.63 21.40
C GLY C 29 -30.17 7.95 20.17
N HIS C 30 -29.30 7.42 19.31
CA HIS C 30 -29.77 6.71 18.13
C HIS C 30 -29.47 5.27 18.32
N ASP C 31 -30.17 4.40 17.62
CA ASP C 31 -29.94 2.99 17.79
C ASP C 31 -29.19 2.35 16.63
N MET C 32 -29.38 2.87 15.44
CA MET C 32 -28.66 2.34 14.32
C MET C 32 -28.23 3.53 13.46
N ALA C 33 -27.26 3.31 12.56
CA ALA C 33 -26.79 4.36 11.64
C ALA C 33 -26.59 3.73 10.25
N LEU C 34 -26.80 4.51 9.21
CA LEU C 34 -26.66 4.06 7.84
C LEU C 34 -25.72 5.01 7.10
N VAL C 35 -24.91 4.44 6.22
CA VAL C 35 -24.02 5.19 5.36
C VAL C 35 -24.54 4.86 3.97
N LEU C 36 -25.05 5.86 3.25
CA LEU C 36 -25.58 5.66 1.91
C LEU C 36 -24.45 5.90 0.91
N GLY C 37 -24.04 4.87 0.16
CA GLY C 37 -22.94 5.00 -0.81
C GLY C 37 -23.41 5.23 -2.23
N SER C 38 -22.53 5.07 -3.24
CA SER C 38 -22.96 5.35 -4.61
C SER C 38 -24.09 4.49 -5.03
N GLY C 39 -25.17 5.10 -5.51
CA GLY C 39 -26.28 4.28 -5.92
C GLY C 39 -27.31 4.16 -4.81
N TRP C 40 -26.94 4.52 -3.57
CA TRP C 40 -27.87 4.42 -2.43
C TRP C 40 -28.52 5.72 -1.91
N GLY C 41 -28.27 6.84 -2.56
CA GLY C 41 -28.83 8.08 -2.08
C GLY C 41 -30.34 8.18 -1.84
N GLY C 42 -31.14 7.46 -2.60
CA GLY C 42 -32.57 7.56 -2.36
C GLY C 42 -33.05 6.39 -1.53
N ALA C 43 -32.11 5.52 -1.18
CA ALA C 43 -32.48 4.30 -0.48
C ALA C 43 -32.96 4.40 0.96
N ALA C 44 -32.97 5.60 1.55
CA ALA C 44 -33.45 5.76 2.92
C ALA C 44 -34.83 6.41 3.00
N GLU C 45 -35.48 6.64 1.87
CA GLU C 45 -36.77 7.32 1.88
C GLU C 45 -37.96 6.59 2.49
N LEU C 46 -37.92 5.27 2.51
CA LEU C 46 -39.02 4.47 3.01
C LEU C 46 -38.71 3.96 4.37
N LEU C 47 -37.67 4.47 4.99
CA LEU C 47 -37.26 3.95 6.29
C LEU C 47 -38.23 4.30 7.45
N GLY C 48 -38.82 5.49 7.36
CA GLY C 48 -39.72 5.93 8.39
C GLY C 48 -39.96 7.42 8.26
N GLU C 49 -40.12 8.07 9.40
CA GLU C 49 -40.39 9.48 9.39
C GLU C 49 -39.19 10.32 9.75
N VAL C 50 -38.93 11.33 8.92
CA VAL C 50 -37.83 12.20 9.24
C VAL C 50 -38.24 13.10 10.37
N VAL C 51 -37.46 13.02 11.42
CA VAL C 51 -37.62 13.76 12.65
C VAL C 51 -36.78 15.04 12.65
N ALA C 52 -35.70 15.04 11.87
CA ALA C 52 -34.81 16.20 11.81
C ALA C 52 -33.75 16.08 10.71
N GLU C 53 -33.35 17.21 10.14
CA GLU C 53 -32.30 17.27 9.12
C GLU C 53 -31.29 18.26 9.61
N VAL C 54 -30.03 17.85 9.65
CA VAL C 54 -28.98 18.69 10.16
C VAL C 54 -27.93 18.87 9.11
N PRO C 55 -27.75 20.12 8.59
CA PRO C 55 -26.74 20.39 7.57
C PRO C 55 -25.45 19.80 8.16
N THR C 56 -24.85 18.88 7.41
CA THR C 56 -23.65 18.17 7.88
C THR C 56 -22.48 19.08 8.20
N HIS C 57 -22.29 20.12 7.40
CA HIS C 57 -21.17 21.04 7.62
C HIS C 57 -21.25 21.71 9.01
N GLU C 58 -22.40 21.63 9.65
CA GLU C 58 -22.54 22.24 10.96
C GLU C 58 -22.27 21.31 12.13
N ILE C 59 -21.90 20.07 11.82
CA ILE C 59 -21.61 19.12 12.86
C ILE C 59 -20.08 19.09 13.06
N PRO C 60 -19.61 19.11 14.31
CA PRO C 60 -18.19 19.08 14.63
C PRO C 60 -17.45 17.96 13.88
N GLY C 61 -16.28 18.32 13.36
CA GLY C 61 -15.46 17.37 12.65
C GLY C 61 -15.77 17.10 11.19
N PHE C 62 -16.93 17.52 10.69
CA PHE C 62 -17.19 17.27 9.26
C PHE C 62 -16.88 18.53 8.49
N SER C 63 -17.31 18.53 7.23
CA SER C 63 -17.23 19.65 6.25
C SER C 63 -16.86 19.08 4.87
N SER C 64 -24.69 16.08 2.71
CA SER C 64 -24.98 17.52 2.81
C SER C 64 -25.91 17.75 4.04
N VAL C 65 -26.83 16.82 4.26
CA VAL C 65 -27.76 16.89 5.40
C VAL C 65 -27.72 15.56 6.14
N THR C 66 -27.61 15.60 7.46
CA THR C 66 -27.61 14.36 8.25
C THR C 66 -29.04 14.20 8.78
N ARG C 67 -29.62 13.00 8.65
CA ARG C 67 -31.01 12.79 9.02
C ARG C 67 -31.26 11.86 10.19
N SER C 68 -32.26 12.24 11.02
CA SER C 68 -32.67 11.46 12.19
C SER C 68 -34.02 10.87 11.79
N ILE C 69 -34.10 9.54 11.76
CA ILE C 69 -35.31 8.85 11.29
C ILE C 69 -35.89 7.93 12.30
N ARG C 70 -37.22 8.05 12.47
CA ARG C 70 -37.92 7.25 13.46
C ARG C 70 -38.44 6.05 12.74
N VAL C 71 -38.03 4.90 13.23
CA VAL C 71 -38.43 3.66 12.62
C VAL C 71 -39.43 2.92 13.52
N GLU C 72 -40.57 2.56 12.95
CA GLU C 72 -41.60 1.84 13.69
C GLU C 72 -41.42 0.32 13.57
N ARG C 73 -41.29 -0.33 14.71
CA ARG C 73 -41.15 -1.79 14.72
C ARG C 73 -42.49 -2.52 14.88
N ALA C 74 -42.45 -3.81 14.51
CA ALA C 74 -43.60 -4.71 14.56
C ALA C 74 -44.33 -4.67 15.90
N ASP C 75 -43.58 -4.55 16.99
CA ASP C 75 -44.21 -4.56 18.28
C ASP C 75 -44.61 -3.21 18.76
N GLY C 76 -44.51 -2.21 17.89
CA GLY C 76 -44.92 -0.90 18.34
C GLY C 76 -43.83 -0.08 18.99
N SER C 77 -42.67 -0.66 19.32
CA SER C 77 -41.62 0.18 19.88
C SER C 77 -40.95 0.92 18.70
N VAL C 78 -40.17 1.94 19.01
CA VAL C 78 -39.56 2.69 17.94
C VAL C 78 -38.05 2.73 18.04
N ARG C 79 -37.45 3.03 16.89
CA ARG C 79 -36.03 3.15 16.81
C ARG C 79 -35.67 4.44 16.13
N HIS C 80 -34.57 5.02 16.58
CA HIS C 80 -34.05 6.19 15.92
C HIS C 80 -32.81 5.82 15.07
N ALA C 81 -32.93 6.09 13.77
CA ALA C 81 -31.87 5.80 12.83
C ALA C 81 -31.15 7.08 12.38
N LEU C 82 -29.83 7.10 12.55
CA LEU C 82 -29.02 8.24 12.12
C LEU C 82 -28.61 7.98 10.66
N VAL C 83 -29.09 8.79 9.73
CA VAL C 83 -28.63 8.55 8.36
C VAL C 83 -27.55 9.61 8.09
N LEU C 84 -26.30 9.17 7.86
CA LEU C 84 -25.18 10.11 7.65
C LEU C 84 -25.23 10.82 6.31
N GLY C 85 -24.95 12.10 6.31
CA GLY C 85 -25.00 12.86 5.07
C GLY C 85 -23.68 12.67 4.37
N SER C 86 -23.66 12.37 3.09
CA SER C 86 -22.40 12.17 2.35
C SER C 86 -21.36 11.23 3.02
N ARG C 87 -20.22 11.05 2.37
CA ARG C 87 -19.18 10.17 2.88
C ARG C 87 -17.81 10.64 2.33
N THR C 88 -16.79 10.58 3.16
CA THR C 88 -15.45 11.00 2.77
C THR C 88 -14.59 9.82 2.39
N HIS C 89 -14.04 9.88 1.18
CA HIS C 89 -13.19 8.82 0.66
C HIS C 89 -11.73 9.12 0.91
N LEU C 90 -10.96 8.05 1.03
CA LEU C 90 -9.51 8.19 1.19
C LEU C 90 -8.91 9.03 0.05
N TYR C 91 -9.42 8.86 -1.16
CA TYR C 91 -8.84 9.54 -2.32
C TYR C 91 -9.07 11.03 -2.36
N GLU C 92 -9.66 11.57 -1.31
CA GLU C 92 -9.89 13.00 -1.28
C GLU C 92 -8.70 13.61 -0.56
N GLY C 93 -7.83 12.76 -0.04
CA GLY C 93 -6.68 13.29 0.64
C GLY C 93 -6.91 13.97 1.98
N LYS C 94 -7.91 13.55 2.74
CA LYS C 94 -8.07 14.23 4.02
C LYS C 94 -7.59 13.45 5.19
N GLY C 95 -7.00 12.28 4.96
CA GLY C 95 -6.54 11.50 6.09
C GLY C 95 -7.56 10.45 6.46
N VAL C 96 -7.12 9.43 7.19
CA VAL C 96 -8.02 8.36 7.54
C VAL C 96 -9.02 8.77 8.66
N ARG C 97 -8.70 9.78 9.47
CA ARG C 97 -9.61 10.27 10.50
C ARG C 97 -10.92 10.83 9.93
N ALA C 98 -10.81 11.61 8.86
CA ALA C 98 -12.01 12.16 8.23
C ALA C 98 -12.84 11.04 7.58
N VAL C 99 -12.18 9.97 7.12
CA VAL C 99 -12.91 8.88 6.49
C VAL C 99 -13.84 8.13 7.46
N VAL C 100 -13.38 7.96 8.70
CA VAL C 100 -14.16 7.19 9.67
C VAL C 100 -14.80 8.01 10.78
N HIS C 101 -14.85 9.31 10.57
CA HIS C 101 -15.43 10.20 11.55
C HIS C 101 -16.96 9.94 11.72
N GLY C 102 -17.62 9.66 10.60
CA GLY C 102 -19.06 9.42 10.58
C GLY C 102 -19.36 8.19 11.42
N VAL C 103 -18.56 7.15 11.27
CA VAL C 103 -18.69 5.92 12.03
C VAL C 103 -18.44 6.17 13.51
N ARG C 104 -17.37 6.89 13.87
CA ARG C 104 -17.13 7.13 15.29
C ARG C 104 -18.19 8.01 15.94
N THR C 105 -18.70 8.96 15.15
CA THR C 105 -19.78 9.86 15.56
C THR C 105 -21.06 9.01 15.79
N ALA C 106 -21.37 8.04 14.91
CA ALA C 106 -22.55 7.22 15.10
C ALA C 106 -22.42 6.38 16.38
N ALA C 107 -21.25 5.82 16.62
CA ALA C 107 -21.11 5.03 17.83
C ALA C 107 -21.22 5.91 19.10
N ALA C 108 -20.82 7.18 19.00
CA ALA C 108 -20.87 8.06 20.14
C ALA C 108 -22.34 8.47 20.41
N THR C 109 -23.22 8.37 19.42
CA THR C 109 -24.60 8.72 19.66
C THR C 109 -25.33 7.53 20.33
N GLY C 110 -24.60 6.44 20.58
CA GLY C 110 -25.18 5.25 21.18
C GLY C 110 -25.66 4.21 20.17
N ALA C 111 -25.47 4.45 18.88
CA ALA C 111 -25.94 3.42 17.96
C ALA C 111 -25.26 2.07 18.18
N GLU C 112 -25.97 0.99 17.97
CA GLU C 112 -25.43 -0.34 18.13
C GLU C 112 -25.22 -1.08 16.81
N THR C 113 -25.93 -0.66 15.81
CA THR C 113 -25.85 -1.33 14.54
C THR C 113 -25.52 -0.34 13.43
N LEU C 114 -24.63 -0.76 12.52
CA LEU C 114 -24.22 0.14 11.47
C LEU C 114 -24.46 -0.56 10.17
N ILE C 115 -25.15 0.08 9.25
CA ILE C 115 -25.39 -0.51 7.96
C ILE C 115 -24.51 0.26 6.94
N LEU C 116 -23.45 -0.38 6.45
CA LEU C 116 -22.60 0.28 5.46
C LEU C 116 -23.01 -0.10 4.09
N THR C 117 -23.29 0.86 3.22
CA THR C 117 -23.58 0.53 1.83
C THR C 117 -22.55 1.22 0.85
N ASN C 118 -22.36 0.63 -0.34
CA ASN C 118 -21.50 1.21 -1.39
C ASN C 118 -21.93 0.67 -2.78
N GLY C 119 -21.37 1.29 -3.83
CA GLY C 119 -21.57 0.89 -5.22
C GLY C 119 -20.20 0.27 -5.56
N CYS C 120 -20.15 -0.77 -6.38
CA CYS C 120 -18.83 -1.38 -6.60
C CYS C 120 -18.82 -2.19 -7.85
N GLY C 121 -17.63 -2.70 -8.25
CA GLY C 121 -17.57 -3.56 -9.44
C GLY C 121 -17.64 -5.05 -9.03
N GLY C 122 -18.28 -5.90 -9.82
CA GLY C 122 -18.33 -7.28 -9.44
C GLY C 122 -17.43 -8.12 -10.37
N LEU C 123 -16.94 -9.22 -9.84
CA LEU C 123 -16.09 -10.10 -10.61
C LEU C 123 -16.79 -11.39 -10.94
N ASN C 124 -18.03 -11.52 -10.43
CA ASN C 124 -18.87 -12.69 -10.60
C ASN C 124 -19.88 -12.36 -11.69
N GLN C 125 -19.88 -13.12 -12.77
CA GLN C 125 -20.80 -12.83 -13.84
C GLN C 125 -22.28 -13.01 -13.57
N GLU C 126 -22.62 -13.82 -12.57
CA GLU C 126 -24.02 -14.02 -12.21
C GLU C 126 -24.61 -12.79 -11.54
N TRP C 127 -23.79 -11.91 -10.99
CA TRP C 127 -24.34 -10.70 -10.40
C TRP C 127 -24.20 -9.49 -11.32
N GLY C 128 -25.18 -9.32 -12.19
CA GLY C 128 -25.12 -8.18 -13.08
C GLY C 128 -25.39 -6.82 -12.42
N ALA C 129 -25.25 -5.74 -13.21
CA ALA C 129 -25.47 -4.40 -12.68
C ALA C 129 -26.87 -4.29 -11.98
N GLY C 130 -26.91 -3.64 -10.82
CA GLY C 130 -28.16 -3.52 -10.13
C GLY C 130 -28.37 -4.60 -9.06
N THR C 131 -27.47 -5.58 -8.96
CA THR C 131 -27.62 -6.66 -7.96
C THR C 131 -27.01 -6.30 -6.60
N PRO C 132 -27.81 -6.35 -5.51
CA PRO C 132 -27.32 -6.06 -4.13
C PRO C 132 -26.63 -7.30 -3.63
N VAL C 133 -25.53 -7.15 -2.88
CA VAL C 133 -24.77 -8.31 -2.41
C VAL C 133 -24.28 -8.06 -1.02
N LEU C 134 -24.41 -9.07 -0.15
CA LEU C 134 -24.03 -8.92 1.26
C LEU C 134 -22.56 -9.20 1.39
N LEU C 135 -21.87 -8.42 2.19
CA LEU C 135 -20.46 -8.64 2.42
C LEU C 135 -20.27 -9.68 3.47
N SER C 136 -19.50 -10.73 3.17
CA SER C 136 -19.21 -11.76 4.17
C SER C 136 -17.85 -11.52 4.89
N ASP C 137 -16.99 -10.76 4.21
CA ASP C 137 -15.66 -10.44 4.73
C ASP C 137 -15.00 -9.46 3.77
N HIS C 138 -13.85 -8.92 4.14
CA HIS C 138 -13.17 -8.00 3.17
C HIS C 138 -11.64 -8.19 3.17
N ILE C 139 -11.02 -7.56 2.18
CA ILE C 139 -9.59 -7.53 2.01
C ILE C 139 -9.33 -6.06 1.85
N ASN C 140 -8.56 -5.50 2.76
CA ASN C 140 -8.28 -4.06 2.65
C ASN C 140 -6.90 -3.91 1.89
N LEU C 141 -6.91 -3.34 0.69
CA LEU C 141 -5.66 -3.17 -0.14
C LEU C 141 -5.20 -1.73 -0.24
N THR C 142 -5.51 -0.92 0.74
CA THR C 142 -5.12 0.46 0.66
C THR C 142 -3.82 0.67 1.41
N ALA C 143 -3.33 -0.35 2.10
CA ALA C 143 -2.14 -0.20 2.95
C ALA C 143 -2.35 0.86 4.06
N ARG C 144 -3.60 1.19 4.38
CA ARG C 144 -3.86 2.20 5.46
C ARG C 144 -4.76 1.54 6.53
N SER C 145 -4.69 2.07 7.76
CA SER C 145 -5.51 1.58 8.87
C SER C 145 -6.10 2.78 9.59
N PRO C 146 -7.37 2.65 10.03
CA PRO C 146 -7.98 3.77 10.76
C PRO C 146 -7.57 3.85 12.25
N LEU C 147 -6.97 2.77 12.80
CA LEU C 147 -6.54 2.72 14.21
C LEU C 147 -5.15 3.30 14.38
N GLU C 148 -4.91 4.07 15.45
CA GLU C 148 -3.60 4.72 15.65
C GLU C 148 -2.76 4.25 16.83
N GLY C 149 -3.18 3.21 17.53
CA GLY C 149 -2.38 2.79 18.64
C GLY C 149 -2.42 1.30 18.80
N PRO C 150 -1.80 0.79 19.88
CA PRO C 150 -1.71 -0.63 20.23
C PRO C 150 -3.12 -1.05 20.30
N THR C 151 -3.63 -1.58 19.22
CA THR C 151 -5.02 -1.93 19.26
C THR C 151 -5.37 -3.36 19.06
N PHE C 152 -5.88 -3.89 20.16
CA PHE C 152 -6.37 -5.25 20.35
C PHE C 152 -7.66 -5.75 19.65
N VAL C 153 -8.14 -5.16 18.56
CA VAL C 153 -9.42 -5.66 18.02
C VAL C 153 -9.39 -6.92 17.14
N ASP C 154 -10.31 -7.82 17.44
CA ASP C 154 -10.39 -9.05 16.66
C ASP C 154 -11.30 -8.76 15.49
N LEU C 155 -10.83 -9.06 14.28
CA LEU C 155 -11.61 -8.82 13.09
C LEU C 155 -12.02 -10.14 12.45
N THR C 156 -12.26 -11.14 13.29
CA THR C 156 -12.64 -12.43 12.73
C THR C 156 -14.05 -12.40 12.17
N ASP C 157 -14.94 -11.63 12.76
CA ASP C 157 -16.26 -11.54 12.13
C ASP C 157 -16.66 -10.09 12.01
N VAL C 158 -16.06 -9.40 11.05
CA VAL C 158 -16.40 -8.00 10.86
C VAL C 158 -17.86 -7.80 10.49
N TYR C 159 -18.34 -8.61 9.58
CA TYR C 159 -19.69 -8.47 9.10
C TYR C 159 -20.55 -9.52 9.88
N SER C 160 -21.22 -9.02 10.95
CA SER C 160 -22.08 -9.85 11.81
C SER C 160 -22.87 -10.97 11.16
N PRO C 161 -22.61 -12.22 11.49
CA PRO C 161 -23.42 -13.25 10.85
C PRO C 161 -24.95 -13.10 11.24
N ARG C 162 -25.19 -12.56 12.42
CA ARG C 162 -26.53 -12.32 12.97
C ARG C 162 -27.28 -11.46 11.95
N LEU C 163 -26.70 -10.31 11.61
CA LEU C 163 -27.36 -9.43 10.64
C LEU C 163 -27.46 -10.01 9.25
N ARG C 164 -26.47 -10.77 8.80
CA ARG C 164 -26.58 -11.41 7.48
C ARG C 164 -27.77 -12.39 7.42
N GLU C 165 -28.01 -13.11 8.51
CA GLU C 165 -29.18 -13.99 8.62
C GLU C 165 -30.47 -13.13 8.58
N LEU C 166 -30.52 -12.05 9.36
CA LEU C 166 -31.71 -11.21 9.30
C LEU C 166 -31.99 -10.82 7.85
N ALA C 167 -30.99 -10.23 7.15
CA ALA C 167 -31.12 -9.79 5.77
C ALA C 167 -31.69 -10.92 4.95
N HIS C 168 -31.25 -12.14 5.22
CA HIS C 168 -31.78 -13.29 4.49
C HIS C 168 -33.24 -13.64 4.92
N ARG C 169 -33.66 -13.18 6.11
CA ARG C 169 -35.04 -13.41 6.49
C ARG C 169 -35.83 -12.46 5.59
N VAL C 170 -35.30 -11.26 5.35
CA VAL C 170 -36.00 -10.31 4.47
C VAL C 170 -35.94 -10.73 3.01
N ASP C 171 -34.76 -11.11 2.52
CA ASP C 171 -34.69 -11.50 1.10
C ASP C 171 -33.75 -12.66 1.04
N PRO C 172 -34.30 -13.88 1.01
CA PRO C 172 -33.49 -15.11 0.97
C PRO C 172 -32.58 -15.25 -0.25
N THR C 173 -32.83 -14.49 -1.31
CA THR C 173 -32.01 -14.60 -2.50
C THR C 173 -30.75 -13.75 -2.56
N LEU C 174 -30.46 -12.92 -1.57
CA LEU C 174 -29.23 -12.10 -1.69
C LEU C 174 -28.02 -12.97 -1.57
N PRO C 175 -26.99 -12.80 -2.48
CA PRO C 175 -25.74 -13.60 -2.38
C PRO C 175 -24.81 -12.88 -1.39
N GLU C 176 -23.72 -13.55 -1.02
CA GLU C 176 -22.74 -12.96 -0.15
C GLU C 176 -21.40 -12.97 -0.89
N GLY C 177 -20.52 -12.04 -0.57
CA GLY C 177 -19.22 -11.96 -1.23
C GLY C 177 -18.16 -11.19 -0.46
N VAL C 178 -16.89 -11.48 -0.76
CA VAL C 178 -15.78 -10.80 -0.15
C VAL C 178 -15.53 -9.52 -0.95
N TYR C 179 -15.31 -8.41 -0.26
CA TYR C 179 -15.11 -7.14 -0.95
C TYR C 179 -13.67 -6.64 -0.79
N ALA C 180 -13.04 -6.15 -1.88
CA ALA C 180 -11.65 -5.65 -1.75
C ALA C 180 -11.62 -4.13 -1.89
N GLN C 181 -10.94 -3.43 -0.99
CA GLN C 181 -10.90 -1.97 -1.07
C GLN C 181 -9.55 -1.49 -1.69
N PHE C 182 -9.64 -0.77 -2.80
CA PHE C 182 -8.50 -0.19 -3.52
C PHE C 182 -8.50 1.26 -3.17
N PRO C 183 -7.33 1.87 -3.10
CA PRO C 183 -7.41 3.29 -2.78
C PRO C 183 -8.20 4.19 -3.70
N GLY C 184 -8.18 3.89 -4.99
CA GLY C 184 -8.86 4.73 -5.96
C GLY C 184 -8.15 6.08 -6.12
N PRO C 185 -8.75 7.06 -6.84
CA PRO C 185 -10.05 7.09 -7.53
C PRO C 185 -10.14 6.41 -8.93
N HIS C 186 -8.98 6.19 -9.56
CA HIS C 186 -8.96 5.55 -10.87
C HIS C 186 -9.48 4.12 -10.64
N TYR C 187 -10.00 3.47 -11.68
CA TYR C 187 -10.50 2.12 -11.61
C TYR C 187 -9.41 1.12 -11.87
N GLU C 188 -9.71 -0.16 -11.66
CA GLU C 188 -8.76 -1.21 -11.85
C GLU C 188 -8.59 -1.63 -13.32
N THR C 189 -7.36 -2.01 -13.69
CA THR C 189 -7.10 -2.49 -15.03
C THR C 189 -7.53 -3.95 -15.05
N PRO C 190 -7.81 -4.51 -16.24
CA PRO C 190 -8.17 -5.92 -16.26
C PRO C 190 -7.14 -6.82 -15.45
N ALA C 191 -5.84 -6.49 -15.51
CA ALA C 191 -4.85 -7.29 -14.75
C ALA C 191 -5.06 -7.08 -13.25
N GLU C 192 -5.44 -5.89 -12.84
CA GLU C 192 -5.67 -5.67 -11.38
C GLU C 192 -6.96 -6.40 -10.88
N VAL C 193 -7.92 -6.51 -11.77
CA VAL C 193 -9.15 -7.20 -11.50
C VAL C 193 -8.91 -8.69 -11.42
N ARG C 194 -8.02 -9.24 -12.28
CA ARG C 194 -7.69 -10.66 -12.17
C ARG C 194 -6.95 -10.86 -10.88
N MET C 195 -6.08 -9.91 -10.56
CA MET C 195 -5.30 -9.97 -9.34
C MET C 195 -6.23 -10.12 -8.11
N ALA C 196 -7.22 -9.24 -8.02
CA ALA C 196 -8.18 -9.24 -6.89
C ALA C 196 -8.89 -10.62 -6.79
N GLY C 197 -9.30 -11.19 -7.93
CA GLY C 197 -9.96 -12.48 -7.95
C GLY C 197 -9.02 -13.53 -7.40
N ILE C 198 -7.76 -13.50 -7.84
CA ILE C 198 -6.79 -14.47 -7.33
C ILE C 198 -6.62 -14.31 -5.85
N LEU C 199 -6.78 -13.09 -5.37
CA LEU C 199 -6.58 -12.89 -3.95
C LEU C 199 -7.84 -13.29 -3.14
N GLY C 200 -8.98 -13.52 -3.81
CA GLY C 200 -10.16 -13.92 -3.07
C GLY C 200 -11.35 -12.97 -3.05
N ALA C 201 -11.27 -11.87 -3.77
CA ALA C 201 -12.39 -10.94 -3.83
C ALA C 201 -13.39 -11.29 -4.91
N ASP C 202 -14.65 -10.92 -4.65
CA ASP C 202 -15.79 -11.07 -5.57
C ASP C 202 -16.22 -9.66 -5.95
N LEU C 203 -15.75 -8.66 -5.26
CA LEU C 203 -16.21 -7.29 -5.48
C LEU C 203 -15.06 -6.33 -5.23
N VAL C 204 -14.98 -5.25 -6.02
CA VAL C 204 -13.96 -4.25 -5.80
C VAL C 204 -14.57 -2.87 -5.78
N GLY C 205 -14.02 -2.00 -4.95
CA GLY C 205 -14.51 -0.67 -4.87
C GLY C 205 -13.54 0.14 -4.05
N MET C 206 -13.99 1.30 -3.62
CA MET C 206 -13.13 2.25 -2.93
C MET C 206 -13.48 2.76 -1.57
N SER C 207 -14.18 1.96 -0.79
CA SER C 207 -14.52 2.48 0.54
C SER C 207 -14.82 1.31 1.42
N THR C 208 -15.58 1.62 2.49
CA THR C 208 -16.11 0.61 3.40
C THR C 208 -15.20 -0.14 4.36
N THR C 209 -14.10 -0.77 3.89
CA THR C 209 -13.30 -1.54 4.82
C THR C 209 -12.67 -0.75 5.97
N LEU C 210 -12.17 0.45 5.72
CA LEU C 210 -11.61 1.23 6.84
C LEU C 210 -12.74 1.63 7.84
N GLU C 211 -13.95 1.86 7.31
CA GLU C 211 -15.11 2.23 8.11
C GLU C 211 -15.53 1.01 8.96
N ALA C 212 -15.45 -0.17 8.38
CA ALA C 212 -15.84 -1.37 9.08
C ALA C 212 -14.90 -1.64 10.20
N ILE C 213 -13.60 -1.43 9.91
CA ILE C 213 -12.62 -1.65 10.94
C ILE C 213 -12.85 -0.68 12.11
N ALA C 214 -13.01 0.60 11.82
CA ALA C 214 -13.30 1.60 12.87
C ALA C 214 -14.64 1.27 13.68
N ALA C 215 -15.66 0.78 13.00
CA ALA C 215 -16.93 0.39 13.60
C ALA C 215 -16.69 -0.71 14.64
N ARG C 216 -16.01 -1.79 14.23
CA ARG C 216 -15.73 -2.88 15.12
C ARG C 216 -14.97 -2.43 16.33
N HIS C 217 -14.00 -1.58 16.09
CA HIS C 217 -13.21 -1.09 17.17
C HIS C 217 -14.09 -0.33 18.20
N CYS C 218 -15.15 0.29 17.71
CA CYS C 218 -16.04 1.00 18.61
C CYS C 218 -17.15 0.08 19.11
N GLY C 219 -17.08 -1.19 18.74
CA GLY C 219 -18.07 -2.15 19.20
C GLY C 219 -19.39 -2.18 18.46
N LEU C 220 -19.46 -1.62 17.27
CA LEU C 220 -20.68 -1.71 16.48
C LEU C 220 -20.84 -3.05 15.78
N GLU C 221 -22.07 -3.49 15.56
CA GLU C 221 -22.32 -4.72 14.82
C GLU C 221 -22.46 -4.18 13.39
N VAL C 222 -21.90 -4.88 12.38
CA VAL C 222 -21.92 -4.28 11.02
C VAL C 222 -22.61 -5.09 9.95
N LEU C 223 -23.37 -4.41 9.12
CA LEU C 223 -24.04 -5.08 8.01
C LEU C 223 -23.46 -4.33 6.77
N GLY C 224 -22.86 -5.06 5.82
CA GLY C 224 -22.32 -4.39 4.66
C GLY C 224 -23.13 -4.81 3.47
N VAL C 225 -23.57 -3.88 2.63
CA VAL C 225 -24.35 -4.24 1.46
C VAL C 225 -23.84 -3.50 0.24
N SER C 226 -23.40 -4.24 -0.78
CA SER C 226 -22.92 -3.61 -2.00
C SER C 226 -23.96 -3.68 -3.07
N LEU C 227 -23.93 -2.68 -3.92
CA LEU C 227 -24.78 -2.63 -5.09
C LEU C 227 -23.73 -2.78 -6.28
N VAL C 228 -23.83 -3.81 -7.11
CA VAL C 228 -22.91 -3.95 -8.23
C VAL C 228 -23.28 -2.89 -9.27
N THR C 229 -22.45 -1.86 -9.39
CA THR C 229 -22.61 -0.75 -10.37
C THR C 229 -22.52 -1.40 -11.74
N ASN C 230 -21.60 -2.37 -11.82
CA ASN C 230 -21.40 -3.22 -12.95
C ASN C 230 -20.14 -4.07 -12.90
N LEU C 231 -20.05 -4.99 -13.85
CA LEU C 231 -18.94 -5.90 -13.89
C LEU C 231 -17.60 -5.15 -14.05
N ALA C 232 -16.61 -5.56 -13.27
CA ALA C 232 -15.27 -4.95 -13.29
C ALA C 232 -14.56 -5.18 -14.66
N ALA C 233 -13.56 -4.34 -14.97
CA ALA C 233 -12.79 -4.46 -16.26
C ALA C 233 -12.35 -5.89 -16.60
N GLY C 234 -12.64 -6.27 -17.86
CA GLY C 234 -12.31 -7.58 -18.39
C GLY C 234 -13.19 -8.73 -17.98
N ILE C 235 -14.17 -8.48 -17.13
CA ILE C 235 -15.05 -9.56 -16.65
C ILE C 235 -16.11 -9.88 -17.67
N SER C 236 -16.70 -8.86 -18.24
CA SER C 236 -17.73 -9.08 -19.23
C SER C 236 -17.18 -9.03 -20.65
N PRO C 237 -17.62 -9.95 -21.51
CA PRO C 237 -17.15 -10.00 -22.90
C PRO C 237 -17.66 -8.74 -23.61
N THR C 238 -18.95 -8.45 -23.37
CA THR C 238 -19.63 -7.30 -23.94
C THR C 238 -20.02 -6.34 -22.81
N PRO C 239 -19.09 -5.47 -22.42
CA PRO C 239 -19.32 -4.48 -21.35
C PRO C 239 -20.41 -3.43 -21.60
N LEU C 240 -21.21 -3.21 -20.57
CA LEU C 240 -22.30 -2.21 -20.59
C LEU C 240 -21.86 -0.79 -20.86
N SER C 241 -22.66 -0.07 -21.66
CA SER C 241 -22.37 1.34 -21.92
C SER C 241 -22.63 2.08 -20.61
N HIS C 242 -22.17 3.31 -20.53
CA HIS C 242 -22.38 4.09 -19.33
C HIS C 242 -23.89 4.37 -19.10
N ALA C 243 -24.63 4.57 -20.19
CA ALA C 243 -26.06 4.82 -20.11
C ALA C 243 -26.76 3.59 -19.52
N GLU C 244 -26.26 2.42 -19.91
CA GLU C 244 -26.83 1.19 -19.42
C GLU C 244 -26.57 0.99 -17.93
N VAL C 245 -25.39 1.34 -17.49
CA VAL C 245 -25.06 1.19 -16.08
C VAL C 245 -26.02 2.06 -15.27
N ILE C 246 -26.16 3.31 -15.69
CA ILE C 246 -27.04 4.24 -14.99
C ILE C 246 -28.47 3.79 -14.92
N GLU C 247 -28.99 3.24 -16.01
CA GLU C 247 -30.35 2.78 -16.00
C GLU C 247 -30.57 1.55 -15.12
N ALA C 248 -29.58 0.67 -15.09
CA ALA C 248 -29.72 -0.54 -14.32
C ALA C 248 -29.67 -0.10 -12.86
N GLY C 249 -28.84 0.89 -12.56
CA GLY C 249 -28.73 1.41 -11.22
C GLY C 249 -30.07 2.01 -10.78
N GLN C 250 -30.66 2.84 -11.63
CA GLN C 250 -31.93 3.47 -11.34
C GLN C 250 -33.03 2.46 -11.02
N ALA C 251 -33.16 1.47 -11.89
CA ALA C 251 -34.19 0.48 -11.77
C ALA C 251 -34.08 -0.42 -10.53
N ALA C 252 -32.98 -0.31 -9.81
CA ALA C 252 -32.78 -1.09 -8.61
C ALA C 252 -33.24 -0.26 -7.40
N GLY C 253 -33.58 1.02 -7.64
CA GLY C 253 -33.95 1.92 -6.55
C GLY C 253 -35.04 1.42 -5.64
N PRO C 254 -36.20 1.11 -6.19
CA PRO C 254 -37.29 0.61 -5.34
C PRO C 254 -36.92 -0.63 -4.52
N ARG C 255 -36.30 -1.61 -5.15
CA ARG C 255 -35.93 -2.80 -4.44
C ARG C 255 -35.00 -2.51 -3.28
N ILE C 256 -34.02 -1.69 -3.57
CA ILE C 256 -32.98 -1.39 -2.61
C ILE C 256 -33.50 -0.57 -1.42
N SER C 257 -34.39 0.37 -1.70
CA SER C 257 -34.88 1.12 -0.57
C SER C 257 -35.90 0.27 0.29
N ALA C 258 -36.59 -0.69 -0.32
CA ALA C 258 -37.54 -1.53 0.40
C ALA C 258 -36.73 -2.47 1.23
N LEU C 259 -35.51 -2.81 0.77
CA LEU C 259 -34.71 -3.73 1.55
C LEU C 259 -34.20 -3.08 2.83
N LEU C 260 -33.68 -1.86 2.76
CA LEU C 260 -33.18 -1.19 3.97
C LEU C 260 -34.35 -0.92 4.97
N ALA C 261 -35.49 -0.45 4.45
CA ALA C 261 -36.66 -0.20 5.31
C ALA C 261 -37.05 -1.50 6.07
N ASP C 262 -37.21 -2.61 5.38
CA ASP C 262 -37.56 -3.87 6.03
C ASP C 262 -36.52 -4.31 7.01
N ILE C 263 -35.25 -4.19 6.63
CA ILE C 263 -34.19 -4.55 7.55
C ILE C 263 -34.14 -3.67 8.80
N ALA C 264 -34.40 -2.37 8.63
CA ALA C 264 -34.33 -1.44 9.76
C ALA C 264 -35.35 -1.82 10.87
N LYS C 265 -36.47 -2.43 10.49
CA LYS C 265 -37.47 -2.87 11.44
C LYS C 265 -37.08 -4.18 12.08
N ARG C 266 -36.13 -4.89 11.45
CA ARG C 266 -35.61 -6.24 11.80
C ARG C 266 -36.42 -7.37 11.08
P PO4 D . 13.09 3.41 -14.65
O1 PO4 D . 11.70 3.05 -14.01
O2 PO4 D . 14.22 3.12 -13.76
O3 PO4 D . 13.22 2.78 -15.99
O4 PO4 D . 13.10 4.96 -14.84
P PO4 E . 6.19 -6.75 17.27
O1 PO4 E . 5.46 -6.98 15.97
O2 PO4 E . 7.51 -6.00 17.12
O3 PO4 E . 6.37 -8.02 18.05
O4 PO4 E . 5.32 -5.71 18.04
CA CA F . 32.30 -4.44 14.97
P PO4 G . -18.90 4.36 -2.72
O1 PO4 G . -17.73 3.58 -2.26
O2 PO4 G . -18.64 5.27 -3.92
O3 PO4 G . -20.16 3.56 -2.90
O4 PO4 G . -19.15 5.38 -1.58
#